data_8C35
#
_entry.id   8C35
#
_cell.length_a   63.924
_cell.length_b   69.970
_cell.length_c   204.555
_cell.angle_alpha   90.00
_cell.angle_beta   90.00
_cell.angle_gamma   90.00
#
_symmetry.space_group_name_H-M   'P 21 21 21'
#
loop_
_entity.id
_entity.type
_entity.pdbx_description
1 polymer 'Probable transcriptional regulator'
2 non-polymer COBALAMIN
3 non-polymer "5'-DEOXYADENOSINE"
4 water water
#
_entity_poly.entity_id   1
_entity_poly.type   'polypeptide(L)'
_entity_poly.pdbx_seq_one_letter_code
;VRPEDLGTGLLEALLRGDLAGAEALFRRGLRFWGPEGVLEHLLLPVLREVGEAWARGEIGVAEEHLASTFLRARLQELLD
LAGFPPGPPVLVTTPPGERHEIGAMLAAYHLRRKGVPALYLGPDTPLPDLRALARRLGAGAVVLSAVLSEPLRALPDGAL
KDLAPRVFLGGQGAGPEEARRLGAEYMEDLKGLAEALWLPRGPEKEAIGHHHHHH
;
_entity_poly.pdbx_strand_id   A,B,C,D
#
loop_
_chem_comp.id
_chem_comp.type
_chem_comp.name
_chem_comp.formula
5AD non-polymer 5'-DEOXYADENOSINE 'C10 H13 N5 O3'
B12 non-polymer COBALAMIN 'C62 H89 Co N13 O14 P 2'
#
# COMPACT_ATOMS: atom_id res chain seq x y z
N GLU A 4 2.23 -16.39 11.25
CA GLU A 4 2.77 -17.39 12.20
C GLU A 4 3.18 -18.71 11.53
N ASP A 5 2.30 -19.26 10.68
CA ASP A 5 2.77 -20.16 9.65
C ASP A 5 3.09 -19.38 8.39
N LEU A 6 2.88 -18.06 8.38
CA LEU A 6 3.05 -17.26 7.18
C LEU A 6 4.50 -17.28 6.73
N GLY A 7 5.44 -17.21 7.67
CA GLY A 7 6.87 -17.21 7.36
C GLY A 7 7.32 -18.48 6.66
N THR A 8 6.92 -19.65 7.19
CA THR A 8 7.22 -20.93 6.59
C THR A 8 6.54 -21.03 5.23
N GLY A 9 5.23 -20.72 5.20
CA GLY A 9 4.50 -20.75 3.94
C GLY A 9 5.14 -19.85 2.89
N LEU A 10 5.57 -18.66 3.28
CA LEU A 10 6.11 -17.68 2.33
C LEU A 10 7.43 -18.18 1.76
N LEU A 11 8.32 -18.66 2.65
CA LEU A 11 9.60 -19.19 2.21
C LEU A 11 9.39 -20.38 1.29
N GLU A 12 8.49 -21.29 1.66
CA GLU A 12 8.20 -22.46 0.84
C GLU A 12 7.68 -22.05 -0.53
N ALA A 13 6.77 -21.07 -0.58
CA ALA A 13 6.21 -20.63 -1.84
C ALA A 13 7.32 -20.05 -2.73
N LEU A 14 8.22 -19.30 -2.13
CA LEU A 14 9.33 -18.69 -2.85
C LEU A 14 10.26 -19.78 -3.40
N LEU A 15 10.58 -20.78 -2.57
CA LEU A 15 11.54 -21.82 -2.95
C LEU A 15 10.99 -22.71 -4.06
N ARG A 16 9.67 -22.74 -4.25
CA ARG A 16 9.11 -23.52 -5.34
C ARG A 16 8.71 -22.59 -6.49
N GLY A 17 9.10 -21.31 -6.42
CA GLY A 17 8.90 -20.41 -7.53
C GLY A 17 7.44 -19.99 -7.71
N ASP A 18 6.64 -20.07 -6.62
CA ASP A 18 5.24 -19.68 -6.64
C ASP A 18 5.12 -18.23 -6.17
N LEU A 19 5.36 -17.31 -7.10
CA LEU A 19 5.40 -15.89 -6.79
C LEU A 19 4.01 -15.39 -6.45
N ALA A 20 2.99 -15.85 -7.15
CA ALA A 20 1.61 -15.45 -6.88
C ALA A 20 1.21 -15.83 -5.45
N GLY A 21 1.49 -17.08 -5.06
CA GLY A 21 1.20 -17.57 -3.72
C GLY A 21 1.97 -16.78 -2.67
N ALA A 22 3.24 -16.49 -2.98
CA ALA A 22 4.09 -15.73 -2.08
C ALA A 22 3.50 -14.32 -1.88
N GLU A 23 3.05 -13.71 -2.99
CA GLU A 23 2.44 -12.38 -2.90
C GLU A 23 1.16 -12.40 -2.04
N ALA A 24 0.33 -13.42 -2.20
CA ALA A 24 -0.90 -13.53 -1.39
C ALA A 24 -0.57 -13.64 0.11
N LEU A 25 0.45 -14.44 0.43
CA LEU A 25 0.85 -14.66 1.81
C LEU A 25 1.42 -13.39 2.42
N PHE A 26 2.25 -12.66 1.64
CA PHE A 26 2.79 -11.40 2.11
C PHE A 26 1.66 -10.43 2.39
N ARG A 27 0.66 -10.35 1.49
CA ARG A 27 -0.46 -9.44 1.68
C ARG A 27 -1.26 -9.81 2.93
N ARG A 28 -1.42 -11.11 3.20
CA ARG A 28 -2.11 -11.53 4.42
C ARG A 28 -1.36 -11.01 5.64
N GLY A 29 -0.04 -11.16 5.64
CA GLY A 29 0.79 -10.67 6.73
C GLY A 29 0.61 -9.16 6.91
N LEU A 30 0.59 -8.45 5.78
CA LEU A 30 0.44 -7.00 5.80
C LEU A 30 -0.89 -6.64 6.46
N ARG A 31 -1.96 -7.36 6.11
CA ARG A 31 -3.26 -7.05 6.66
C ARG A 31 -3.34 -7.38 8.15
N PHE A 32 -2.62 -8.41 8.58
CA PHE A 32 -2.72 -8.86 9.96
C PHE A 32 -1.82 -8.02 10.88
N TRP A 33 -0.54 -7.85 10.50
CA TRP A 33 0.48 -7.21 11.33
C TRP A 33 0.56 -5.69 11.13
N GLY A 34 0.10 -5.23 9.96
CA GLY A 34 0.27 -3.84 9.59
C GLY A 34 1.61 -3.65 8.86
N PRO A 35 1.91 -2.45 8.31
CA PRO A 35 3.11 -2.28 7.48
C PRO A 35 4.44 -2.57 8.19
N GLU A 36 4.66 -1.92 9.34
CA GLU A 36 5.86 -2.12 10.14
C GLU A 36 5.91 -3.55 10.62
N GLY A 37 4.77 -4.06 11.10
CA GLY A 37 4.69 -5.38 11.68
C GLY A 37 5.06 -6.48 10.69
N VAL A 38 4.61 -6.35 9.44
CA VAL A 38 4.88 -7.41 8.46
C VAL A 38 6.38 -7.44 8.16
N LEU A 39 7.01 -6.27 8.20
CA LEU A 39 8.44 -6.21 7.96
C LEU A 39 9.18 -6.92 9.10
N GLU A 40 8.74 -6.71 10.35
CA GLU A 40 9.43 -7.24 11.51
C GLU A 40 9.09 -8.72 11.68
N HIS A 41 7.85 -9.10 11.41
CA HIS A 41 7.37 -10.42 11.78
C HIS A 41 7.33 -11.37 10.59
N LEU A 42 7.54 -10.89 9.37
CA LEU A 42 7.52 -11.77 8.21
C LEU A 42 8.78 -11.57 7.36
N LEU A 43 9.01 -10.35 6.89
CA LEU A 43 10.12 -10.12 5.97
C LEU A 43 11.47 -10.44 6.61
N LEU A 44 11.71 -9.90 7.82
CA LEU A 44 12.99 -10.05 8.49
C LEU A 44 13.25 -11.52 8.82
N PRO A 45 12.34 -12.26 9.51
CA PRO A 45 12.57 -13.67 9.82
C PRO A 45 12.81 -14.53 8.59
N VAL A 46 12.11 -14.28 7.48
CA VAL A 46 12.33 -15.10 6.30
C VAL A 46 13.74 -14.84 5.74
N LEU A 47 14.16 -13.57 5.68
CA LEU A 47 15.49 -13.26 5.18
C LEU A 47 16.55 -13.88 6.10
N ARG A 48 16.34 -13.81 7.42
CA ARG A 48 17.32 -14.38 8.34
C ARG A 48 17.45 -15.88 8.10
N GLU A 49 16.31 -16.56 7.93
CA GLU A 49 16.30 -18.00 7.76
C GLU A 49 16.94 -18.38 6.41
N VAL A 50 16.72 -17.55 5.39
CA VAL A 50 17.35 -17.78 4.09
C VAL A 50 18.88 -17.77 4.26
N GLY A 51 19.38 -16.80 5.04
CA GLY A 51 20.80 -16.68 5.34
C GLY A 51 21.35 -17.89 6.08
N GLU A 52 20.60 -18.39 7.07
CA GLU A 52 21.04 -19.52 7.88
C GLU A 52 21.08 -20.79 7.06
N ALA A 53 20.07 -20.97 6.19
CA ALA A 53 20.01 -22.13 5.30
C ALA A 53 21.18 -22.14 4.33
N TRP A 54 21.48 -20.96 3.73
CA TRP A 54 22.63 -20.84 2.85
C TRP A 54 23.92 -21.19 3.60
N ALA A 55 24.09 -20.62 4.79
CA ALA A 55 25.29 -20.79 5.59
C ALA A 55 25.46 -22.26 5.99
N ARG A 56 24.35 -22.99 6.18
CA ARG A 56 24.39 -24.42 6.51
C ARG A 56 24.65 -25.29 5.26
N GLY A 57 24.64 -24.69 4.06
CA GLY A 57 24.83 -25.45 2.84
C GLY A 57 23.56 -26.13 2.33
N GLU A 58 22.41 -25.74 2.89
CA GLU A 58 21.13 -26.37 2.61
C GLU A 58 20.49 -25.81 1.34
N ILE A 59 20.68 -24.51 1.05
CA ILE A 59 20.23 -23.91 -0.19
C ILE A 59 21.41 -23.24 -0.88
N GLY A 60 21.29 -23.07 -2.19
CA GLY A 60 22.26 -22.34 -2.98
C GLY A 60 21.92 -20.85 -3.06
N VAL A 61 22.79 -20.14 -3.75
CA VAL A 61 22.75 -18.70 -3.86
C VAL A 61 21.50 -18.27 -4.64
N ALA A 62 21.11 -19.06 -5.65
CA ALA A 62 20.00 -18.69 -6.50
C ALA A 62 18.70 -18.66 -5.70
N GLU A 63 18.55 -19.57 -4.73
CA GLU A 63 17.36 -19.56 -3.89
C GLU A 63 17.31 -18.31 -3.03
N GLU A 64 18.44 -17.97 -2.40
CA GLU A 64 18.46 -16.74 -1.60
C GLU A 64 18.11 -15.54 -2.47
N HIS A 65 18.76 -15.45 -3.66
CA HIS A 65 18.54 -14.35 -4.58
C HIS A 65 17.04 -14.16 -4.86
N LEU A 66 16.36 -15.27 -5.16
CA LEU A 66 14.94 -15.25 -5.51
C LEU A 66 14.11 -14.66 -4.36
N ALA A 67 14.37 -15.15 -3.15
CA ALA A 67 13.65 -14.71 -1.97
C ALA A 67 13.91 -13.21 -1.71
N SER A 68 15.18 -12.83 -1.72
CA SER A 68 15.61 -11.47 -1.44
C SER A 68 15.03 -10.45 -2.42
N THR A 69 15.11 -10.82 -3.70
CA THR A 69 14.61 -9.97 -4.77
C THR A 69 13.11 -9.75 -4.60
N PHE A 70 12.38 -10.82 -4.27
CA PHE A 70 10.96 -10.73 -4.02
C PHE A 70 10.66 -9.79 -2.83
N LEU A 71 11.33 -9.98 -1.69
CA LEU A 71 11.01 -9.20 -0.50
C LEU A 71 11.43 -7.73 -0.67
N ARG A 72 12.51 -7.51 -1.41
CA ARG A 72 12.96 -6.16 -1.73
C ARG A 72 11.86 -5.45 -2.51
N ALA A 73 11.25 -6.14 -3.50
CA ALA A 73 10.18 -5.53 -4.28
C ALA A 73 8.97 -5.20 -3.41
N ARG A 74 8.63 -6.08 -2.45
CA ARG A 74 7.49 -5.83 -1.60
C ARG A 74 7.77 -4.58 -0.74
N LEU A 75 9.00 -4.48 -0.20
CA LEU A 75 9.30 -3.34 0.65
C LEU A 75 9.32 -2.04 -0.18
N GLN A 76 9.78 -2.13 -1.43
CA GLN A 76 9.84 -0.96 -2.30
C GLN A 76 8.43 -0.43 -2.60
N GLU A 77 7.49 -1.36 -2.74
CA GLU A 77 6.07 -1.06 -2.88
C GLU A 77 5.58 -0.24 -1.68
N LEU A 78 5.87 -0.72 -0.47
CA LEU A 78 5.44 -0.04 0.74
C LEU A 78 6.09 1.34 0.84
N LEU A 79 7.34 1.43 0.41
CA LEU A 79 8.11 2.66 0.48
C LEU A 79 7.45 3.74 -0.38
N ASP A 80 7.04 3.38 -1.60
CA ASP A 80 6.42 4.32 -2.51
C ASP A 80 5.01 4.69 -2.08
N LEU A 81 4.34 3.84 -1.30
CA LEU A 81 3.01 4.13 -0.81
C LEU A 81 3.06 5.09 0.39
N ALA A 82 4.18 5.17 1.10
CA ALA A 82 4.31 6.09 2.23
C ALA A 82 4.36 7.53 1.71
N GLY A 83 4.14 8.51 2.58
CA GLY A 83 4.29 9.91 2.19
C GLY A 83 5.71 10.26 1.75
N PHE A 84 5.87 11.22 0.82
CA PHE A 84 7.15 11.87 0.60
C PHE A 84 6.94 13.37 0.75
N PRO A 85 7.16 13.93 1.95
CA PRO A 85 6.93 15.35 2.17
C PRO A 85 7.97 16.23 1.47
N PRO A 86 7.66 17.53 1.28
CA PRO A 86 8.68 18.49 0.86
C PRO A 86 9.67 18.85 1.98
N GLY A 87 10.73 19.58 1.63
CA GLY A 87 11.70 20.07 2.61
C GLY A 87 13.02 19.31 2.58
N PRO A 88 14.00 19.71 3.40
CA PRO A 88 15.35 19.14 3.35
C PRO A 88 15.33 17.62 3.43
N PRO A 89 15.90 16.89 2.45
CA PRO A 89 15.85 15.43 2.47
C PRO A 89 16.83 14.81 3.44
N VAL A 90 16.54 13.57 3.82
CA VAL A 90 17.48 12.72 4.54
C VAL A 90 17.97 11.66 3.57
N LEU A 91 19.28 11.59 3.32
CA LEU A 91 19.83 10.64 2.35
C LEU A 91 20.09 9.32 3.06
N VAL A 92 19.62 8.22 2.45
CA VAL A 92 19.72 6.90 3.08
C VAL A 92 20.43 5.97 2.11
N THR A 93 21.47 5.30 2.61
CA THR A 93 22.26 4.41 1.80
C THR A 93 23.03 3.46 2.74
N THR A 94 24.00 2.76 2.16
CA THR A 94 24.91 1.91 2.92
C THR A 94 26.34 2.36 2.63
N PRO A 95 27.30 1.99 3.50
CA PRO A 95 28.71 2.35 3.29
C PRO A 95 29.27 1.76 2.02
N PRO A 96 30.38 2.32 1.49
CA PRO A 96 31.08 1.71 0.36
C PRO A 96 31.43 0.26 0.70
N GLY A 97 31.10 -0.67 -0.22
CA GLY A 97 31.39 -2.07 -0.04
C GLY A 97 30.27 -2.83 0.66
N GLU A 98 29.20 -2.12 1.04
CA GLU A 98 28.04 -2.77 1.64
C GLU A 98 26.93 -2.93 0.60
N ARG A 99 26.66 -4.17 0.19
CA ARG A 99 25.72 -4.45 -0.89
C ARG A 99 24.38 -5.00 -0.35
N HIS A 100 24.27 -5.20 0.97
CA HIS A 100 23.00 -5.54 1.58
C HIS A 100 22.18 -4.25 1.73
N GLU A 101 21.05 -4.11 1.03
CA GLU A 101 20.38 -2.82 0.98
C GLU A 101 19.06 -2.77 1.76
N ILE A 102 18.55 -3.90 2.25
CA ILE A 102 17.19 -3.94 2.79
C ILE A 102 17.10 -3.17 4.11
N GLY A 103 18.16 -3.18 4.92
CA GLY A 103 18.20 -2.39 6.15
C GLY A 103 18.08 -0.89 5.86
N ALA A 104 18.80 -0.41 4.85
CA ALA A 104 18.69 0.99 4.47
C ALA A 104 17.25 1.31 4.00
N MET A 105 16.66 0.39 3.22
CA MET A 105 15.29 0.57 2.76
C MET A 105 14.34 0.66 3.95
N LEU A 106 14.54 -0.19 4.97
CA LEU A 106 13.72 -0.15 6.18
C LEU A 106 13.82 1.20 6.87
N ALA A 107 15.05 1.71 6.99
CA ALA A 107 15.29 3.00 7.62
C ALA A 107 14.52 4.09 6.89
N ALA A 108 14.61 4.09 5.55
CA ALA A 108 13.92 5.07 4.74
C ALA A 108 12.42 4.95 4.93
N TYR A 109 11.93 3.70 5.01
CA TYR A 109 10.52 3.47 5.18
C TYR A 109 10.03 4.04 6.51
N HIS A 110 10.71 3.70 7.60
CA HIS A 110 10.32 4.17 8.92
C HIS A 110 10.32 5.70 8.99
N LEU A 111 11.30 6.35 8.36
CA LEU A 111 11.37 7.79 8.36
C LEU A 111 10.18 8.40 7.62
N ARG A 112 9.89 7.87 6.42
CA ARG A 112 8.80 8.39 5.59
C ARG A 112 7.45 8.20 6.27
N ARG A 113 7.28 7.06 6.95
CA ARG A 113 6.05 6.78 7.68
C ARG A 113 5.85 7.80 8.81
N LYS A 114 6.94 8.44 9.28
CA LYS A 114 6.86 9.50 10.27
C LYS A 114 6.98 10.88 9.65
N GLY A 115 6.84 10.98 8.34
CA GLY A 115 6.75 12.30 7.71
C GLY A 115 8.11 12.93 7.40
N VAL A 116 9.17 12.13 7.42
CA VAL A 116 10.50 12.63 7.11
C VAL A 116 10.81 12.28 5.65
N PRO A 117 11.28 13.27 4.83
CA PRO A 117 11.57 13.00 3.43
C PRO A 117 12.88 12.25 3.19
N ALA A 118 12.84 10.94 3.45
CA ALA A 118 13.96 10.05 3.28
C ALA A 118 14.12 9.69 1.81
N LEU A 119 15.22 10.12 1.19
CA LEU A 119 15.62 9.75 -0.15
C LEU A 119 16.49 8.51 -0.09
N TYR A 120 15.94 7.36 -0.48
CA TYR A 120 16.69 6.13 -0.56
C TYR A 120 17.51 6.12 -1.84
N LEU A 121 18.84 5.99 -1.72
CA LEU A 121 19.74 6.12 -2.87
C LEU A 121 20.01 4.77 -3.54
N GLY A 122 19.64 3.67 -2.89
CA GLY A 122 20.27 2.40 -3.15
C GLY A 122 21.48 2.21 -2.24
N PRO A 123 22.14 1.04 -2.31
CA PRO A 123 23.33 0.79 -1.50
C PRO A 123 24.61 1.31 -2.13
N ASP A 124 25.67 1.35 -1.30
CA ASP A 124 27.05 1.26 -1.74
C ASP A 124 27.45 2.57 -2.42
N THR A 125 27.50 3.64 -1.63
CA THR A 125 27.75 4.97 -2.15
C THR A 125 29.10 5.48 -1.63
N PRO A 126 30.06 5.83 -2.52
CA PRO A 126 31.31 6.46 -2.09
C PRO A 126 31.04 7.70 -1.25
N LEU A 127 31.85 7.91 -0.19
CA LEU A 127 31.58 8.95 0.78
C LEU A 127 31.68 10.34 0.15
N PRO A 128 32.68 10.67 -0.71
CA PRO A 128 32.74 12.01 -1.28
C PRO A 128 31.50 12.31 -2.13
N ASP A 129 31.01 11.32 -2.88
CA ASP A 129 29.83 11.50 -3.70
C ASP A 129 28.57 11.69 -2.85
N LEU A 130 28.47 10.95 -1.74
CA LEU A 130 27.37 11.09 -0.80
C LEU A 130 27.37 12.50 -0.20
N ARG A 131 28.56 12.96 0.21
CA ARG A 131 28.74 14.27 0.80
C ARG A 131 28.33 15.36 -0.19
N ALA A 132 28.73 15.21 -1.46
CA ALA A 132 28.39 16.18 -2.49
C ALA A 132 26.88 16.25 -2.68
N LEU A 133 26.17 15.11 -2.70
CA LEU A 133 24.74 15.14 -2.92
C LEU A 133 24.04 15.80 -1.72
N ALA A 134 24.48 15.45 -0.50
CA ALA A 134 23.91 16.04 0.70
C ALA A 134 24.02 17.55 0.66
N ARG A 135 25.21 18.02 0.26
CA ARG A 135 25.53 19.43 0.20
C ARG A 135 24.63 20.11 -0.84
N ARG A 136 24.51 19.53 -2.02
CA ARG A 136 23.80 20.14 -3.13
C ARG A 136 22.31 20.19 -2.85
N LEU A 137 21.76 19.16 -2.17
CA LEU A 137 20.35 19.15 -1.85
C LEU A 137 20.07 19.81 -0.52
N GLY A 138 21.10 20.28 0.19
CA GLY A 138 20.91 20.80 1.54
C GLY A 138 20.22 19.78 2.45
N ALA A 139 20.65 18.53 2.38
CA ALA A 139 20.09 17.48 3.22
C ALA A 139 20.31 17.80 4.69
N GLY A 140 19.31 17.53 5.54
CA GLY A 140 19.45 17.67 6.98
C GLY A 140 20.24 16.53 7.61
N ALA A 141 20.23 15.36 6.98
CA ALA A 141 20.88 14.21 7.59
C ALA A 141 21.23 13.17 6.55
N VAL A 142 22.16 12.30 6.95
CA VAL A 142 22.49 11.09 6.23
C VAL A 142 22.28 9.92 7.21
N VAL A 143 21.71 8.83 6.70
CA VAL A 143 21.52 7.61 7.46
C VAL A 143 22.19 6.47 6.70
N LEU A 144 23.01 5.69 7.42
CA LEU A 144 23.68 4.52 6.88
C LEU A 144 23.26 3.24 7.61
N SER A 145 22.99 2.20 6.81
CA SER A 145 22.80 0.83 7.28
C SER A 145 24.05 -0.01 7.00
N ALA A 146 24.62 -0.57 8.06
CA ALA A 146 25.75 -1.48 7.96
C ALA A 146 25.29 -2.87 8.39
N VAL A 147 25.31 -3.80 7.44
CA VAL A 147 24.93 -5.17 7.71
C VAL A 147 26.18 -5.94 8.11
N LEU A 148 27.24 -5.83 7.29
CA LEU A 148 28.56 -6.33 7.59
C LEU A 148 29.34 -5.32 8.42
N SER A 149 30.30 -5.81 9.22
CA SER A 149 31.18 -4.92 9.97
C SER A 149 32.39 -4.51 9.13
N GLU A 150 32.77 -5.32 8.14
CA GLU A 150 34.02 -5.14 7.40
C GLU A 150 34.05 -3.82 6.65
N PRO A 151 32.99 -3.39 5.94
CA PRO A 151 33.03 -2.09 5.24
C PRO A 151 33.25 -0.91 6.20
N LEU A 152 32.78 -1.01 7.45
CA LEU A 152 33.01 0.04 8.43
C LEU A 152 34.47 0.03 8.89
N ARG A 153 34.99 -1.17 9.15
CA ARG A 153 36.37 -1.34 9.60
C ARG A 153 37.35 -0.79 8.56
N ALA A 154 37.00 -0.87 7.28
CA ALA A 154 37.86 -0.37 6.21
C ALA A 154 37.92 1.15 6.16
N LEU A 155 37.00 1.84 6.85
CA LEU A 155 36.96 3.28 6.78
C LEU A 155 37.91 3.88 7.82
N PRO A 156 38.57 5.02 7.50
CA PRO A 156 39.43 5.70 8.48
C PRO A 156 38.65 6.39 9.59
N ASP A 157 39.31 6.60 10.74
CA ASP A 157 38.70 7.31 11.85
C ASP A 157 38.08 8.61 11.34
N GLY A 158 36.84 8.89 11.75
CA GLY A 158 36.18 10.15 11.50
C GLY A 158 35.61 10.28 10.08
N ALA A 159 35.59 9.18 9.31
CA ALA A 159 35.25 9.26 7.90
C ALA A 159 33.80 9.70 7.67
N LEU A 160 32.91 9.47 8.63
CA LEU A 160 31.49 9.77 8.43
C LEU A 160 31.13 11.14 9.01
N LYS A 161 32.09 11.81 9.65
CA LYS A 161 31.83 12.86 10.63
C LYS A 161 30.93 13.97 10.12
N ASP A 162 31.14 14.46 8.90
CA ASP A 162 30.42 15.66 8.47
C ASP A 162 29.86 15.45 7.06
N LEU A 163 29.30 14.25 6.82
CA LEU A 163 28.59 13.97 5.58
C LEU A 163 27.39 14.92 5.45
N ALA A 164 26.79 15.22 6.60
CA ALA A 164 25.63 16.09 6.69
C ALA A 164 25.56 16.63 8.12
N PRO A 165 24.67 17.59 8.46
CA PRO A 165 24.62 18.10 9.83
C PRO A 165 24.36 17.02 10.89
N ARG A 166 23.60 15.98 10.53
CA ARG A 166 23.43 14.82 11.38
C ARG A 166 23.78 13.59 10.55
N VAL A 167 24.55 12.68 11.14
CA VAL A 167 24.89 11.42 10.51
C VAL A 167 24.57 10.26 11.47
N PHE A 168 23.72 9.34 11.00
CA PHE A 168 23.27 8.23 11.81
C PHE A 168 23.78 6.92 11.21
N LEU A 169 24.22 6.02 12.10
CA LEU A 169 24.66 4.70 11.69
C LEU A 169 23.97 3.62 12.52
N GLY A 170 23.49 2.57 11.84
CA GLY A 170 22.90 1.43 12.51
C GLY A 170 23.03 0.17 11.66
N GLY A 171 22.48 -0.93 12.17
CA GLY A 171 22.51 -2.23 11.50
C GLY A 171 23.33 -3.23 12.30
N GLN A 172 23.28 -4.52 11.89
CA GLN A 172 23.92 -5.60 12.62
C GLN A 172 25.43 -5.46 12.55
N GLY A 173 25.93 -4.79 11.51
CA GLY A 173 27.36 -4.57 11.33
C GLY A 173 27.92 -3.43 12.18
N ALA A 174 27.04 -2.65 12.80
CA ALA A 174 27.47 -1.43 13.50
C ALA A 174 27.28 -1.59 14.99
N GLY A 175 28.10 -0.88 15.76
CA GLY A 175 27.99 -0.80 17.21
C GLY A 175 28.37 0.60 17.67
N PRO A 176 28.11 0.95 18.95
CA PRO A 176 28.42 2.29 19.48
C PRO A 176 29.89 2.69 19.29
N GLU A 177 30.80 1.75 19.53
CA GLU A 177 32.23 2.04 19.51
C GLU A 177 32.65 2.43 18.09
N GLU A 178 32.19 1.65 17.10
CA GLU A 178 32.57 1.88 15.72
C GLU A 178 31.95 3.19 15.21
N ALA A 179 30.71 3.46 15.63
CA ALA A 179 30.05 4.72 15.29
C ALA A 179 30.89 5.90 15.78
N ARG A 180 31.34 5.80 17.03
CA ARG A 180 32.11 6.86 17.64
C ARG A 180 33.42 7.05 16.89
N ARG A 181 34.11 5.94 16.58
CA ARG A 181 35.37 6.01 15.84
C ARG A 181 35.18 6.72 14.51
N LEU A 182 34.01 6.53 13.88
CA LEU A 182 33.76 7.04 12.54
C LEU A 182 33.13 8.43 12.58
N GLY A 183 32.65 8.85 13.76
CA GLY A 183 32.04 10.15 13.93
C GLY A 183 30.57 10.20 13.54
N ALA A 184 29.87 9.08 13.68
CA ALA A 184 28.44 9.04 13.43
C ALA A 184 27.72 8.87 14.77
N GLU A 185 26.44 9.27 14.81
CA GLU A 185 25.56 8.95 15.91
C GLU A 185 25.04 7.52 15.71
N TYR A 186 25.24 6.68 16.71
CA TYR A 186 24.76 5.31 16.68
C TYR A 186 23.27 5.24 16.98
N MET A 187 22.51 4.50 16.16
CA MET A 187 21.11 4.24 16.46
C MET A 187 20.87 2.73 16.47
N GLU A 188 20.22 2.26 17.54
CA GLU A 188 19.85 0.87 17.73
C GLU A 188 18.52 0.56 17.04
N ASP A 189 17.52 1.41 17.28
CA ASP A 189 16.16 1.20 16.82
C ASP A 189 15.83 2.15 15.67
N LEU A 190 15.18 1.59 14.64
CA LEU A 190 14.63 2.36 13.53
C LEU A 190 13.62 3.40 14.02
N LYS A 191 12.92 3.11 15.11
CA LYS A 191 11.90 4.00 15.63
C LYS A 191 12.53 5.21 16.29
N GLY A 192 13.74 5.04 16.84
CA GLY A 192 14.49 6.14 17.42
C GLY A 192 15.03 7.11 16.37
N LEU A 193 15.02 6.71 15.10
CA LEU A 193 15.59 7.52 14.03
C LEU A 193 14.74 8.77 13.83
N ALA A 194 13.41 8.55 13.72
CA ALA A 194 12.46 9.62 13.48
C ALA A 194 12.45 10.60 14.65
N GLU A 195 12.60 10.06 15.85
CA GLU A 195 12.64 10.86 17.09
C GLU A 195 13.88 11.76 17.05
N ALA A 196 15.06 11.18 16.89
CA ALA A 196 16.32 11.95 16.90
C ALA A 196 16.22 13.10 15.90
N LEU A 197 15.40 12.91 14.89
CA LEU A 197 15.21 13.95 13.86
C LEU A 197 13.99 14.82 14.21
N ASP B 5 9.84 16.19 -24.76
CA ASP B 5 10.32 14.89 -24.23
C ASP B 5 10.61 15.01 -22.72
N LEU B 6 10.07 14.05 -21.96
CA LEU B 6 9.98 14.10 -20.52
C LEU B 6 11.28 13.67 -19.84
N GLY B 7 12.21 13.11 -20.63
CA GLY B 7 13.48 12.57 -20.15
C GLY B 7 14.31 13.60 -19.40
N THR B 8 14.46 14.79 -19.98
CA THR B 8 15.16 15.89 -19.32
C THR B 8 14.45 16.27 -18.03
N GLY B 9 13.14 16.53 -18.11
CA GLY B 9 12.38 16.89 -16.92
C GLY B 9 12.51 15.85 -15.82
N LEU B 10 12.46 14.57 -16.19
CA LEU B 10 12.50 13.49 -15.22
C LEU B 10 13.87 13.45 -14.51
N LEU B 11 14.94 13.51 -15.31
CA LEU B 11 16.28 13.49 -14.76
C LEU B 11 16.50 14.70 -13.87
N GLU B 12 16.04 15.88 -14.29
CA GLU B 12 16.19 17.10 -13.52
C GLU B 12 15.46 16.97 -12.17
N ALA B 13 14.25 16.42 -12.20
CA ALA B 13 13.48 16.25 -10.99
C ALA B 13 14.20 15.31 -10.03
N LEU B 14 14.76 14.23 -10.58
CA LEU B 14 15.49 13.24 -9.79
C LEU B 14 16.71 13.89 -9.15
N LEU B 15 17.47 14.67 -9.93
CA LEU B 15 18.74 15.23 -9.46
C LEU B 15 18.52 16.28 -8.37
N ARG B 16 17.32 16.86 -8.29
CA ARG B 16 17.04 17.79 -7.20
C ARG B 16 16.22 17.10 -6.10
N GLY B 17 16.09 15.77 -6.17
CA GLY B 17 15.47 15.00 -5.10
C GLY B 17 13.96 15.20 -5.03
N ASP B 18 13.35 15.59 -6.17
CA ASP B 18 11.92 15.76 -6.26
C ASP B 18 11.29 14.46 -6.77
N LEU B 19 11.07 13.54 -5.83
CA LEU B 19 10.51 12.22 -6.12
C LEU B 19 9.08 12.35 -6.66
N ALA B 20 8.29 13.20 -6.04
CA ALA B 20 6.90 13.38 -6.44
C ALA B 20 6.84 13.84 -7.89
N GLY B 21 7.62 14.87 -8.24
CA GLY B 21 7.67 15.40 -9.59
C GLY B 21 8.15 14.34 -10.58
N ALA B 22 9.17 13.57 -10.18
CA ALA B 22 9.72 12.53 -11.03
C ALA B 22 8.66 11.47 -11.30
N GLU B 23 7.92 11.09 -10.24
CA GLU B 23 6.90 10.08 -10.39
C GLU B 23 5.77 10.60 -11.27
N ALA B 24 5.38 11.88 -11.15
CA ALA B 24 4.33 12.44 -11.98
C ALA B 24 4.72 12.40 -13.45
N LEU B 25 5.99 12.73 -13.76
CA LEU B 25 6.46 12.76 -15.13
C LEU B 25 6.51 11.33 -15.69
N PHE B 26 6.96 10.37 -14.89
CA PHE B 26 6.98 8.99 -15.34
C PHE B 26 5.55 8.51 -15.64
N ARG B 27 4.61 8.83 -14.74
CA ARG B 27 3.22 8.43 -14.91
C ARG B 27 2.64 9.08 -16.16
N ARG B 28 3.00 10.34 -16.45
CA ARG B 28 2.54 11.01 -17.64
C ARG B 28 3.01 10.25 -18.87
N GLY B 29 4.28 9.86 -18.87
CA GLY B 29 4.84 9.06 -19.96
C GLY B 29 4.05 7.77 -20.13
N LEU B 30 3.73 7.11 -19.01
CA LEU B 30 2.97 5.87 -19.04
C LEU B 30 1.62 6.10 -19.69
N ARG B 31 0.94 7.18 -19.30
CA ARG B 31 -0.40 7.44 -19.80
C ARG B 31 -0.35 7.79 -21.29
N PHE B 32 0.71 8.50 -21.72
CA PHE B 32 0.76 8.99 -23.09
C PHE B 32 1.26 7.91 -24.03
N TRP B 33 2.39 7.29 -23.69
CA TRP B 33 3.20 6.46 -24.58
C TRP B 33 3.01 4.98 -24.28
N GLY B 34 2.54 4.63 -23.09
CA GLY B 34 2.28 3.24 -22.73
C GLY B 34 3.50 2.58 -22.08
N PRO B 35 3.35 1.37 -21.49
CA PRO B 35 4.45 0.66 -20.85
C PRO B 35 5.71 0.46 -21.71
N GLU B 36 5.55 -0.12 -22.90
CA GLU B 36 6.68 -0.41 -23.78
C GLU B 36 7.32 0.89 -24.23
N GLY B 37 6.49 1.87 -24.59
CA GLY B 37 6.98 3.14 -25.09
C GLY B 37 7.82 3.89 -24.06
N VAL B 38 7.34 3.90 -22.81
CA VAL B 38 8.02 4.64 -21.77
C VAL B 38 9.34 3.95 -21.47
N LEU B 39 9.44 2.63 -21.59
CA LEU B 39 10.71 1.98 -21.39
C LEU B 39 11.72 2.43 -22.44
N GLU B 40 11.27 2.45 -23.71
CA GLU B 40 12.17 2.72 -24.82
C GLU B 40 12.49 4.22 -24.89
N HIS B 41 11.51 5.07 -24.61
CA HIS B 41 11.66 6.48 -24.90
C HIS B 41 11.94 7.29 -23.64
N LEU B 42 11.83 6.69 -22.45
CA LEU B 42 12.06 7.46 -21.23
C LEU B 42 13.05 6.76 -20.29
N LEU B 43 12.75 5.53 -19.87
CA LEU B 43 13.56 4.86 -18.88
C LEU B 43 14.98 4.61 -19.41
N LEU B 44 15.07 4.02 -20.61
CA LEU B 44 16.36 3.61 -21.16
C LEU B 44 17.21 4.84 -21.46
N PRO B 45 16.72 5.87 -22.19
CA PRO B 45 17.53 7.06 -22.45
C PRO B 45 18.00 7.76 -21.18
N VAL B 46 17.16 7.83 -20.13
CA VAL B 46 17.60 8.50 -18.91
C VAL B 46 18.73 7.69 -18.28
N LEU B 47 18.62 6.35 -18.21
CA LEU B 47 19.69 5.55 -17.63
C LEU B 47 20.98 5.71 -18.46
N ARG B 48 20.86 5.70 -19.79
CA ARG B 48 22.03 5.86 -20.62
C ARG B 48 22.71 7.20 -20.36
N GLU B 49 21.90 8.26 -20.25
CA GLU B 49 22.39 9.62 -20.07
C GLU B 49 23.04 9.75 -18.69
N VAL B 50 22.46 9.08 -17.68
CA VAL B 50 23.04 9.10 -16.35
C VAL B 50 24.46 8.53 -16.42
N GLY B 51 24.63 7.43 -17.16
CA GLY B 51 25.93 6.78 -17.33
C GLY B 51 26.95 7.69 -18.03
N GLU B 52 26.51 8.37 -19.10
CA GLU B 52 27.37 9.24 -19.89
C GLU B 52 27.77 10.47 -19.06
N ALA B 53 26.83 11.02 -18.29
CA ALA B 53 27.07 12.18 -17.44
C ALA B 53 28.07 11.83 -16.35
N TRP B 54 27.91 10.68 -15.70
CA TRP B 54 28.88 10.21 -14.72
C TRP B 54 30.27 10.11 -15.35
N ALA B 55 30.33 9.45 -16.53
CA ALA B 55 31.58 9.18 -17.23
C ALA B 55 32.27 10.49 -17.62
N ARG B 56 31.49 11.53 -17.91
CA ARG B 56 32.03 12.84 -18.29
C ARG B 56 32.31 13.70 -17.05
N GLY B 57 32.04 13.19 -15.85
CA GLY B 57 32.38 13.93 -14.63
C GLY B 57 31.31 14.94 -14.21
N GLU B 58 30.13 14.89 -14.84
CA GLU B 58 29.10 15.89 -14.66
C GLU B 58 28.22 15.61 -13.44
N ILE B 59 27.99 14.33 -13.13
CA ILE B 59 27.28 13.95 -11.91
C ILE B 59 28.13 12.95 -11.14
N GLY B 60 27.89 12.86 -9.83
CA GLY B 60 28.58 11.91 -8.98
C GLY B 60 27.78 10.61 -8.85
N VAL B 61 28.32 9.68 -8.07
CA VAL B 61 27.77 8.33 -7.97
C VAL B 61 26.42 8.36 -7.25
N ALA B 62 26.26 9.27 -6.28
CA ALA B 62 25.03 9.32 -5.50
C ALA B 62 23.86 9.74 -6.39
N GLU B 63 24.12 10.63 -7.35
CA GLU B 63 23.07 11.04 -8.28
C GLU B 63 22.65 9.89 -9.17
N GLU B 64 23.63 9.15 -9.70
CA GLU B 64 23.32 8.01 -10.54
C GLU B 64 22.48 7.01 -9.73
N HIS B 65 22.94 6.70 -8.50
CA HIS B 65 22.27 5.77 -7.62
C HIS B 65 20.79 6.14 -7.46
N LEU B 66 20.52 7.42 -7.21
CA LEU B 66 19.17 7.89 -6.97
C LEU B 66 18.29 7.65 -8.19
N ALA B 67 18.80 8.04 -9.36
CA ALA B 67 18.06 7.87 -10.61
C ALA B 67 17.80 6.37 -10.88
N SER B 68 18.85 5.55 -10.74
CA SER B 68 18.79 4.13 -11.04
C SER B 68 17.80 3.41 -10.12
N THR B 69 17.89 3.73 -8.83
CA THR B 69 17.03 3.15 -7.82
C THR B 69 15.57 3.48 -8.12
N PHE B 70 15.30 4.74 -8.50
CA PHE B 70 13.97 5.16 -8.89
C PHE B 70 13.46 4.37 -10.10
N LEU B 71 14.26 4.30 -11.18
CA LEU B 71 13.80 3.66 -12.39
C LEU B 71 13.65 2.14 -12.19
N ARG B 72 14.53 1.55 -11.38
CA ARG B 72 14.45 0.14 -11.04
C ARG B 72 13.11 -0.14 -10.35
N ALA B 73 12.69 0.73 -9.43
CA ALA B 73 11.43 0.56 -8.74
C ALA B 73 10.26 0.64 -9.72
N ARG B 74 10.31 1.59 -10.66
CA ARG B 74 9.27 1.73 -11.65
C ARG B 74 9.21 0.49 -12.53
N LEU B 75 10.37 -0.05 -12.91
CA LEU B 75 10.38 -1.21 -13.80
C LEU B 75 9.88 -2.43 -13.03
N GLN B 76 10.18 -2.53 -11.73
CA GLN B 76 9.74 -3.65 -10.92
C GLN B 76 8.21 -3.66 -10.82
N GLU B 77 7.63 -2.46 -10.73
CA GLU B 77 6.19 -2.27 -10.79
C GLU B 77 5.64 -2.85 -12.11
N LEU B 78 6.23 -2.46 -13.25
CA LEU B 78 5.76 -2.94 -14.53
C LEU B 78 5.92 -4.46 -14.64
N LEU B 79 7.00 -4.99 -14.07
CA LEU B 79 7.29 -6.40 -14.10
C LEU B 79 6.18 -7.19 -13.41
N ASP B 80 5.75 -6.73 -12.23
CA ASP B 80 4.70 -7.39 -11.46
C ASP B 80 3.33 -7.20 -12.11
N LEU B 81 3.14 -6.12 -12.87
CA LEU B 81 1.90 -5.84 -13.58
C LEU B 81 1.75 -6.73 -14.80
N ALA B 82 2.89 -7.14 -15.41
CA ALA B 82 2.87 -8.00 -16.57
C ALA B 82 2.47 -9.39 -16.12
N GLY B 83 2.51 -9.64 -14.81
CA GLY B 83 1.94 -10.86 -14.29
C GLY B 83 2.92 -12.04 -14.37
N PHE B 84 2.57 -13.09 -13.62
CA PHE B 84 3.39 -14.28 -13.54
C PHE B 84 2.51 -15.48 -13.86
N PRO B 85 2.47 -15.91 -15.13
CA PRO B 85 1.62 -17.03 -15.53
C PRO B 85 2.10 -18.37 -14.97
N PRO B 86 1.25 -19.40 -14.97
CA PRO B 86 1.69 -20.76 -14.64
C PRO B 86 2.57 -21.42 -15.71
N GLY B 87 3.15 -22.57 -15.35
CA GLY B 87 3.98 -23.34 -16.28
C GLY B 87 5.45 -23.30 -15.91
N PRO B 88 6.31 -24.13 -16.56
CA PRO B 88 7.74 -24.15 -16.32
C PRO B 88 8.33 -22.74 -16.36
N PRO B 89 9.05 -22.28 -15.31
CA PRO B 89 9.58 -20.92 -15.30
C PRO B 89 10.80 -20.74 -16.17
N VAL B 90 11.07 -19.50 -16.55
CA VAL B 90 12.33 -19.11 -17.17
C VAL B 90 13.08 -18.28 -16.13
N LEU B 91 14.28 -18.71 -15.74
CA LEU B 91 15.06 -17.99 -14.75
C LEU B 91 15.86 -16.87 -15.45
N VAL B 92 15.77 -15.66 -14.90
CA VAL B 92 16.40 -14.49 -15.49
C VAL B 92 17.32 -13.86 -14.46
N THR B 93 18.59 -13.69 -14.86
CA THR B 93 19.59 -13.14 -13.99
C THR B 93 20.71 -12.53 -14.83
N THR B 94 21.84 -12.24 -14.18
CA THR B 94 23.04 -11.77 -14.87
C THR B 94 24.19 -12.71 -14.48
N PRO B 95 25.28 -12.75 -15.28
CA PRO B 95 26.43 -13.60 -14.96
C PRO B 95 27.11 -13.21 -13.65
N PRO B 96 27.89 -14.12 -13.05
CA PRO B 96 28.72 -13.80 -11.90
C PRO B 96 29.57 -12.57 -12.18
N GLY B 97 29.53 -11.61 -11.23
CA GLY B 97 30.31 -10.38 -11.35
C GLY B 97 29.60 -9.26 -12.11
N GLU B 98 28.39 -9.52 -12.62
CA GLU B 98 27.59 -8.52 -13.29
C GLU B 98 26.53 -7.95 -12.34
N ARG B 99 26.68 -6.68 -11.95
CA ARG B 99 25.80 -6.09 -10.95
C ARG B 99 24.77 -5.14 -11.56
N HIS B 100 24.83 -4.90 -12.87
CA HIS B 100 23.83 -4.11 -13.59
C HIS B 100 22.63 -5.02 -13.84
N GLU B 101 21.49 -4.78 -13.19
CA GLU B 101 20.31 -5.72 -13.27
C GLU B 101 19.15 -5.27 -14.17
N ILE B 102 19.17 -4.05 -14.61
CA ILE B 102 18.00 -3.52 -15.28
C ILE B 102 17.77 -4.22 -16.63
N GLY B 103 18.85 -4.61 -17.33
CA GLY B 103 18.70 -5.38 -18.56
C GLY B 103 17.98 -6.71 -18.31
N ALA B 104 18.37 -7.41 -17.26
CA ALA B 104 17.71 -8.66 -16.90
C ALA B 104 16.24 -8.42 -16.57
N MET B 105 15.96 -7.34 -15.85
CA MET B 105 14.59 -7.00 -15.52
C MET B 105 13.77 -6.73 -16.79
N LEU B 106 14.36 -6.03 -17.76
CA LEU B 106 13.70 -5.79 -19.03
C LEU B 106 13.34 -7.10 -19.73
N ALA B 107 14.30 -8.02 -19.76
CA ALA B 107 14.10 -9.31 -20.41
C ALA B 107 12.95 -10.07 -19.74
N ALA B 108 12.92 -10.05 -18.41
CA ALA B 108 11.84 -10.70 -17.67
C ALA B 108 10.51 -10.04 -18.01
N TYR B 109 10.51 -8.70 -18.11
CA TYR B 109 9.30 -7.97 -18.42
C TYR B 109 8.78 -8.39 -19.81
N HIS B 110 9.65 -8.37 -20.83
CA HIS B 110 9.25 -8.68 -22.19
C HIS B 110 8.70 -10.11 -22.27
N LEU B 111 9.31 -11.04 -21.55
CA LEU B 111 8.84 -12.41 -21.54
C LEU B 111 7.43 -12.50 -20.94
N ARG B 112 7.24 -11.86 -19.78
CA ARG B 112 5.97 -11.91 -19.06
C ARG B 112 4.85 -11.26 -19.88
N ARG B 113 5.18 -10.18 -20.59
CA ARG B 113 4.23 -9.51 -21.48
C ARG B 113 3.73 -10.46 -22.56
N LYS B 114 4.55 -11.44 -22.93
CA LYS B 114 4.18 -12.44 -23.91
C LYS B 114 3.73 -13.73 -23.27
N GLY B 115 3.45 -13.73 -21.96
CA GLY B 115 2.81 -14.87 -21.32
C GLY B 115 3.82 -15.92 -20.86
N VAL B 116 5.10 -15.56 -20.81
CA VAL B 116 6.12 -16.50 -20.36
C VAL B 116 6.43 -16.23 -18.88
N PRO B 117 6.42 -17.26 -18.02
CA PRO B 117 6.70 -17.09 -16.59
C PRO B 117 8.17 -16.86 -16.28
N ALA B 118 8.60 -15.62 -16.46
CA ALA B 118 9.96 -15.23 -16.19
C ALA B 118 10.13 -14.92 -14.70
N LEU B 119 10.90 -15.77 -13.98
CA LEU B 119 11.31 -15.58 -12.61
C LEU B 119 12.58 -14.75 -12.58
N TYR B 120 12.42 -13.51 -12.17
CA TYR B 120 13.60 -12.65 -11.99
C TYR B 120 14.30 -12.97 -10.65
N LEU B 121 15.58 -13.31 -10.72
CA LEU B 121 16.27 -13.74 -9.52
C LEU B 121 16.97 -12.57 -8.80
N GLY B 122 17.09 -11.42 -9.46
CA GLY B 122 18.13 -10.47 -9.14
C GLY B 122 19.40 -10.79 -9.92
N PRO B 123 20.44 -9.95 -9.79
CA PRO B 123 21.68 -10.14 -10.54
C PRO B 123 22.68 -11.08 -9.85
N ASP B 124 23.69 -11.49 -10.61
CA ASP B 124 24.96 -11.97 -10.09
C ASP B 124 24.79 -13.33 -9.40
N THR B 125 24.46 -14.34 -10.19
CA THR B 125 24.17 -15.68 -9.68
C THR B 125 25.26 -16.67 -10.14
N PRO B 126 25.94 -17.36 -9.22
CA PRO B 126 26.89 -18.41 -9.61
C PRO B 126 26.23 -19.46 -10.49
N LEU B 127 26.96 -19.93 -11.52
CA LEU B 127 26.40 -20.79 -12.54
C LEU B 127 25.93 -22.13 -11.96
N PRO B 128 26.70 -22.80 -11.07
CA PRO B 128 26.23 -24.11 -10.59
C PRO B 128 24.95 -23.97 -9.77
N ASP B 129 24.83 -22.88 -8.99
CA ASP B 129 23.64 -22.62 -8.20
C ASP B 129 22.43 -22.34 -9.11
N LEU B 130 22.66 -21.58 -10.19
CA LEU B 130 21.64 -21.29 -11.16
C LEU B 130 21.15 -22.57 -11.83
N ARG B 131 22.09 -23.43 -12.23
CA ARG B 131 21.79 -24.68 -12.90
C ARG B 131 20.97 -25.58 -11.96
N ALA B 132 21.35 -25.65 -10.68
CA ALA B 132 20.64 -26.47 -9.71
C ALA B 132 19.20 -25.97 -9.53
N LEU B 133 18.99 -24.65 -9.47
CA LEU B 133 17.63 -24.14 -9.30
C LEU B 133 16.79 -24.42 -10.55
N ALA B 134 17.37 -24.23 -11.74
CA ALA B 134 16.67 -24.51 -12.99
C ALA B 134 16.20 -25.96 -13.02
N ARG B 135 17.10 -26.85 -12.61
CA ARG B 135 16.84 -28.28 -12.61
C ARG B 135 15.70 -28.59 -11.63
N ARG B 136 15.78 -28.04 -10.43
CA ARG B 136 14.82 -28.39 -9.39
C ARG B 136 13.44 -27.82 -9.69
N LEU B 137 13.35 -26.63 -10.33
CA LEU B 137 12.08 -26.05 -10.70
C LEU B 137 11.61 -26.55 -12.06
N GLY B 138 12.41 -27.39 -12.75
CA GLY B 138 12.08 -27.78 -14.10
C GLY B 138 11.93 -26.56 -15.02
N ALA B 139 12.81 -25.56 -14.87
CA ALA B 139 12.77 -24.39 -15.74
C ALA B 139 12.99 -24.80 -17.19
N GLY B 140 12.23 -24.19 -18.10
CA GLY B 140 12.41 -24.41 -19.53
C GLY B 140 13.59 -23.62 -20.10
N ALA B 141 13.99 -22.53 -19.44
CA ALA B 141 15.11 -21.76 -19.95
C ALA B 141 15.75 -20.92 -18.85
N VAL B 142 16.96 -20.46 -19.17
CA VAL B 142 17.66 -19.43 -18.45
C VAL B 142 17.95 -18.30 -19.46
N VAL B 143 17.78 -17.07 -18.97
CA VAL B 143 18.09 -15.87 -19.75
C VAL B 143 19.04 -15.03 -18.93
N LEU B 144 20.14 -14.59 -19.60
CA LEU B 144 21.17 -13.80 -18.97
C LEU B 144 21.34 -12.45 -19.68
N SER B 145 21.47 -11.39 -18.86
CA SER B 145 21.83 -10.06 -19.32
C SER B 145 23.28 -9.76 -18.96
N ALA B 146 24.09 -9.46 -19.99
CA ALA B 146 25.46 -9.04 -19.79
C ALA B 146 25.60 -7.58 -20.22
N VAL B 147 25.89 -6.71 -19.26
CA VAL B 147 26.06 -5.29 -19.55
C VAL B 147 27.54 -5.04 -19.81
N LEU B 148 28.40 -5.52 -18.91
CA LEU B 148 29.84 -5.58 -19.08
C LEU B 148 30.24 -6.84 -19.85
N SER B 149 31.38 -6.76 -20.54
CA SER B 149 31.91 -7.90 -21.28
C SER B 149 32.82 -8.75 -20.39
N GLU B 150 33.40 -8.15 -19.34
CA GLU B 150 34.43 -8.79 -18.55
C GLU B 150 33.90 -10.07 -17.86
N PRO B 151 32.69 -10.07 -17.26
CA PRO B 151 32.17 -11.29 -16.63
C PRO B 151 32.05 -12.46 -17.60
N LEU B 152 31.78 -12.16 -18.89
CA LEU B 152 31.68 -13.21 -19.90
C LEU B 152 33.06 -13.76 -20.23
N ARG B 153 34.03 -12.85 -20.39
CA ARG B 153 35.40 -13.21 -20.71
C ARG B 153 35.99 -14.13 -19.63
N ALA B 154 35.59 -13.94 -18.37
CA ALA B 154 36.11 -14.72 -17.26
C ALA B 154 35.59 -16.16 -17.28
N LEU B 155 34.54 -16.44 -18.07
CA LEU B 155 33.94 -17.75 -18.05
C LEU B 155 34.65 -18.67 -19.03
N PRO B 156 34.77 -19.98 -18.71
CA PRO B 156 35.32 -20.96 -19.64
C PRO B 156 34.41 -21.27 -20.84
N ASP B 157 35.01 -21.74 -21.93
CA ASP B 157 34.27 -22.17 -23.10
C ASP B 157 33.14 -23.09 -22.66
N GLY B 158 31.92 -22.82 -23.18
CA GLY B 158 30.77 -23.69 -22.99
C GLY B 158 30.10 -23.55 -21.63
N ALA B 159 30.48 -22.58 -20.82
CA ALA B 159 30.01 -22.49 -19.44
C ALA B 159 28.49 -22.29 -19.33
N LEU B 160 27.87 -21.70 -20.35
CA LEU B 160 26.44 -21.37 -20.29
C LEU B 160 25.58 -22.48 -20.90
N LYS B 161 26.23 -23.47 -21.52
CA LYS B 161 25.62 -24.38 -22.47
C LYS B 161 24.42 -25.13 -21.87
N ASP B 162 24.53 -25.57 -20.62
CA ASP B 162 23.59 -26.54 -20.08
C ASP B 162 23.00 -26.08 -18.76
N LEU B 163 22.84 -24.77 -18.59
CA LEU B 163 22.23 -24.23 -17.38
C LEU B 163 20.78 -24.71 -17.32
N ALA B 164 20.18 -24.86 -18.51
CA ALA B 164 18.77 -25.22 -18.66
C ALA B 164 18.58 -25.70 -20.09
N PRO B 165 17.43 -26.25 -20.49
CA PRO B 165 17.27 -26.76 -21.85
C PRO B 165 17.51 -25.71 -22.94
N ARG B 166 17.18 -24.45 -22.67
CA ARG B 166 17.53 -23.34 -23.55
C ARG B 166 18.22 -22.28 -22.70
N VAL B 167 19.30 -21.71 -23.24
CA VAL B 167 20.02 -20.64 -22.58
C VAL B 167 20.22 -19.49 -23.56
N PHE B 168 19.75 -18.30 -23.15
CA PHE B 168 19.77 -17.11 -23.98
C PHE B 168 20.67 -16.06 -23.34
N LEU B 169 21.45 -15.37 -24.17
CA LEU B 169 22.35 -14.34 -23.70
C LEU B 169 22.19 -13.09 -24.56
N GLY B 170 22.12 -11.94 -23.88
CA GLY B 170 22.08 -10.66 -24.57
C GLY B 170 22.58 -9.55 -23.66
N GLY B 171 22.49 -8.30 -24.15
CA GLY B 171 23.01 -7.13 -23.49
C GLY B 171 24.21 -6.55 -24.24
N GLN B 172 24.63 -5.34 -23.85
CA GLN B 172 25.69 -4.61 -24.53
C GLN B 172 27.03 -5.33 -24.32
N GLY B 173 27.15 -6.09 -23.23
CA GLY B 173 28.38 -6.82 -22.94
C GLY B 173 28.54 -8.09 -23.76
N ALA B 174 27.47 -8.51 -24.47
CA ALA B 174 27.47 -9.77 -25.19
C ALA B 174 27.52 -9.50 -26.69
N GLY B 175 28.08 -10.46 -27.42
CA GLY B 175 28.09 -10.48 -28.87
C GLY B 175 27.91 -11.90 -29.37
N PRO B 176 27.62 -12.12 -30.67
CA PRO B 176 27.45 -13.45 -31.23
C PRO B 176 28.63 -14.38 -30.96
N GLU B 177 29.86 -13.87 -31.12
CA GLU B 177 31.05 -14.70 -31.00
C GLU B 177 31.20 -15.21 -29.58
N GLU B 178 31.01 -14.32 -28.60
CA GLU B 178 31.18 -14.69 -27.21
C GLU B 178 30.06 -15.64 -26.78
N ALA B 179 28.84 -15.41 -27.27
CA ALA B 179 27.72 -16.30 -27.00
C ALA B 179 28.04 -17.71 -27.49
N ARG B 180 28.59 -17.79 -28.71
CA ARG B 180 28.94 -19.06 -29.32
C ARG B 180 30.01 -19.75 -28.48
N ARG B 181 31.05 -19.01 -28.08
CA ARG B 181 32.11 -19.59 -27.28
C ARG B 181 31.54 -20.16 -25.98
N LEU B 182 30.52 -19.51 -25.43
CA LEU B 182 29.97 -19.86 -24.13
C LEU B 182 28.84 -20.88 -24.25
N GLY B 183 28.36 -21.12 -25.48
CA GLY B 183 27.33 -22.10 -25.76
C GLY B 183 25.92 -21.60 -25.48
N ALA B 184 25.71 -20.27 -25.56
CA ALA B 184 24.40 -19.70 -25.35
C ALA B 184 23.86 -19.23 -26.68
N GLU B 185 22.53 -19.17 -26.78
CA GLU B 185 21.88 -18.56 -27.93
C GLU B 185 21.88 -17.05 -27.76
N TYR B 186 22.45 -16.36 -28.74
CA TYR B 186 22.63 -14.92 -28.69
C TYR B 186 21.32 -14.26 -29.11
N MET B 187 20.84 -13.27 -28.33
CA MET B 187 19.67 -12.51 -28.70
C MET B 187 19.99 -11.01 -28.67
N GLU B 188 19.58 -10.31 -29.72
CA GLU B 188 19.79 -8.87 -29.82
C GLU B 188 18.59 -8.12 -29.25
N ASP B 189 17.38 -8.50 -29.69
CA ASP B 189 16.18 -7.74 -29.41
C ASP B 189 15.32 -8.43 -28.34
N LEU B 190 14.89 -7.66 -27.35
CA LEU B 190 14.09 -8.17 -26.25
C LEU B 190 12.75 -8.69 -26.74
N LYS B 191 12.22 -8.11 -27.81
CA LYS B 191 10.90 -8.49 -28.30
C LYS B 191 11.01 -9.83 -29.05
N GLY B 192 12.19 -10.12 -29.61
CA GLY B 192 12.42 -11.41 -30.25
C GLY B 192 12.55 -12.57 -29.27
N LEU B 193 12.63 -12.25 -27.97
CA LEU B 193 13.00 -13.29 -26.98
C LEU B 193 11.93 -14.37 -26.83
N ALA B 194 10.67 -13.95 -26.63
CA ALA B 194 9.57 -14.90 -26.40
C ALA B 194 9.41 -15.79 -27.64
N GLU B 195 9.54 -15.20 -28.82
CA GLU B 195 9.46 -15.96 -30.09
C GLU B 195 10.57 -17.02 -30.16
N ALA B 196 11.80 -16.63 -29.81
CA ALA B 196 12.95 -17.58 -29.85
C ALA B 196 12.70 -18.77 -28.92
N LEU B 197 12.16 -18.47 -27.74
CA LEU B 197 11.94 -19.55 -26.75
C LEU B 197 10.83 -20.45 -27.27
N TRP B 198 9.82 -19.85 -27.87
CA TRP B 198 8.60 -20.57 -28.34
C TRP B 198 8.97 -21.60 -29.42
N LEU C 6 -10.12 -0.50 -17.50
CA LEU C 6 -10.05 -0.90 -16.07
C LEU C 6 -11.31 -0.44 -15.36
N GLY C 7 -11.78 0.78 -15.64
CA GLY C 7 -12.99 1.31 -15.04
C GLY C 7 -14.23 0.46 -15.34
N THR C 8 -14.40 0.14 -16.63
CA THR C 8 -15.46 -0.75 -17.07
C THR C 8 -15.31 -2.13 -16.44
N GLY C 9 -14.10 -2.71 -16.54
CA GLY C 9 -13.86 -4.02 -15.97
C GLY C 9 -14.17 -4.06 -14.48
N LEU C 10 -13.76 -3.00 -13.76
CA LEU C 10 -13.93 -2.97 -12.32
C LEU C 10 -15.41 -2.90 -11.94
N LEU C 11 -16.14 -2.01 -12.61
CA LEU C 11 -17.56 -1.87 -12.34
C LEU C 11 -18.30 -3.17 -12.68
N GLU C 12 -17.95 -3.80 -13.81
CA GLU C 12 -18.57 -5.06 -14.19
C GLU C 12 -18.27 -6.16 -13.17
N ALA C 13 -17.03 -6.22 -12.67
CA ALA C 13 -16.67 -7.21 -11.67
C ALA C 13 -17.50 -7.00 -10.40
N LEU C 14 -17.66 -5.74 -10.00
CA LEU C 14 -18.43 -5.40 -8.83
C LEU C 14 -19.90 -5.81 -8.99
N LEU C 15 -20.48 -5.51 -10.17
CA LEU C 15 -21.90 -5.74 -10.40
C LEU C 15 -22.22 -7.23 -10.49
N ARG C 16 -21.22 -8.09 -10.74
CA ARG C 16 -21.46 -9.52 -10.70
C ARG C 16 -20.97 -10.13 -9.37
N GLY C 17 -20.62 -9.27 -8.41
CA GLY C 17 -20.29 -9.73 -7.07
C GLY C 17 -18.92 -10.38 -6.98
N ASP C 18 -18.03 -10.06 -7.93
CA ASP C 18 -16.70 -10.63 -7.98
C ASP C 18 -15.73 -9.66 -7.31
N LEU C 19 -15.68 -9.72 -5.97
CA LEU C 19 -14.84 -8.85 -5.17
C LEU C 19 -13.36 -9.13 -5.42
N ALA C 20 -12.99 -10.41 -5.52
CA ALA C 20 -11.60 -10.78 -5.76
C ALA C 20 -11.09 -10.17 -7.07
N GLY C 21 -11.90 -10.34 -8.14
CA GLY C 21 -11.55 -9.82 -9.45
C GLY C 21 -11.49 -8.30 -9.44
N ALA C 22 -12.43 -7.67 -8.72
CA ALA C 22 -12.46 -6.23 -8.58
C ALA C 22 -11.18 -5.76 -7.91
N GLU C 23 -10.77 -6.47 -6.85
CA GLU C 23 -9.54 -6.11 -6.15
C GLU C 23 -8.31 -6.24 -7.06
N ALA C 24 -8.25 -7.30 -7.89
CA ALA C 24 -7.13 -7.48 -8.80
C ALA C 24 -7.06 -6.31 -9.81
N LEU C 25 -8.21 -5.89 -10.32
CA LEU C 25 -8.28 -4.83 -11.30
C LEU C 25 -7.87 -3.49 -10.67
N PHE C 26 -8.34 -3.25 -9.43
CA PHE C 26 -7.94 -2.05 -8.72
C PHE C 26 -6.43 -2.02 -8.53
N ARG C 27 -5.85 -3.15 -8.11
CA ARG C 27 -4.42 -3.24 -7.90
C ARG C 27 -3.65 -2.98 -9.20
N ARG C 28 -4.17 -3.48 -10.33
CA ARG C 28 -3.54 -3.21 -11.61
C ARG C 28 -3.51 -1.70 -11.86
N GLY C 29 -4.64 -1.02 -11.63
CA GLY C 29 -4.70 0.42 -11.80
C GLY C 29 -3.67 1.13 -10.93
N LEU C 30 -3.58 0.66 -9.68
CA LEU C 30 -2.63 1.21 -8.72
C LEU C 30 -1.21 1.09 -9.26
N ARG C 31 -0.80 -0.07 -9.79
CA ARG C 31 0.60 -0.31 -10.28
C ARG C 31 0.94 0.57 -11.52
N PHE C 32 -0.05 0.87 -12.35
CA PHE C 32 0.14 1.64 -13.62
C PHE C 32 0.07 3.16 -13.35
N TRP C 33 -1.07 3.64 -12.88
CA TRP C 33 -1.26 5.08 -12.59
C TRP C 33 -0.53 5.57 -11.34
N GLY C 34 -0.16 4.68 -10.40
CA GLY C 34 0.37 5.14 -9.11
C GLY C 34 -0.77 5.48 -8.13
N PRO C 35 -0.49 5.82 -6.85
CA PRO C 35 -1.58 6.01 -5.87
C PRO C 35 -2.55 7.14 -6.21
N GLU C 36 -2.04 8.35 -6.48
CA GLU C 36 -2.86 9.50 -6.84
C GLU C 36 -3.58 9.20 -8.15
N GLY C 37 -2.85 8.64 -9.12
CA GLY C 37 -3.39 8.39 -10.44
C GLY C 37 -4.55 7.41 -10.41
N VAL C 38 -4.49 6.36 -9.60
CA VAL C 38 -5.56 5.38 -9.58
C VAL C 38 -6.82 6.03 -9.01
N LEU C 39 -6.65 6.96 -8.07
CA LEU C 39 -7.80 7.67 -7.51
C LEU C 39 -8.44 8.53 -8.60
N GLU C 40 -7.62 9.23 -9.39
CA GLU C 40 -8.10 10.17 -10.38
C GLU C 40 -8.63 9.43 -11.61
N HIS C 41 -7.98 8.34 -11.99
CA HIS C 41 -8.27 7.70 -13.27
C HIS C 41 -9.12 6.46 -13.11
N LEU C 42 -9.35 5.97 -11.89
CA LEU C 42 -10.14 4.76 -11.72
C LEU C 42 -11.22 4.96 -10.65
N LEU C 43 -10.85 5.29 -9.42
CA LEU C 43 -11.81 5.38 -8.34
C LEU C 43 -12.88 6.45 -8.61
N LEU C 44 -12.44 7.67 -8.98
CA LEU C 44 -13.35 8.78 -9.14
C LEU C 44 -14.26 8.55 -10.33
N PRO C 45 -13.76 8.22 -11.54
CA PRO C 45 -14.63 7.95 -12.68
C PRO C 45 -15.65 6.83 -12.43
N VAL C 46 -15.25 5.76 -11.73
CA VAL C 46 -16.19 4.68 -11.45
C VAL C 46 -17.30 5.21 -10.54
N LEU C 47 -16.95 5.95 -9.47
CA LEU C 47 -17.97 6.48 -8.56
C LEU C 47 -18.89 7.43 -9.31
N ARG C 48 -18.35 8.29 -10.18
CA ARG C 48 -19.18 9.22 -10.90
C ARG C 48 -20.16 8.46 -11.80
N GLU C 49 -19.67 7.43 -12.48
CA GLU C 49 -20.48 6.65 -13.39
C GLU C 49 -21.55 5.86 -12.63
N VAL C 50 -21.21 5.38 -11.43
CA VAL C 50 -22.19 4.70 -10.59
C VAL C 50 -23.35 5.64 -10.30
N GLY C 51 -23.02 6.91 -9.98
CA GLY C 51 -24.03 7.92 -9.70
C GLY C 51 -24.94 8.21 -10.90
N GLU C 52 -24.34 8.32 -12.10
CA GLU C 52 -25.06 8.61 -13.32
C GLU C 52 -25.98 7.44 -13.68
N ALA C 53 -25.49 6.21 -13.51
CA ALA C 53 -26.25 5.02 -13.81
C ALA C 53 -27.46 4.90 -12.87
N TRP C 54 -27.28 5.17 -11.58
CA TRP C 54 -28.37 5.20 -10.62
C TRP C 54 -29.41 6.24 -11.05
N ALA C 55 -28.93 7.45 -11.37
CA ALA C 55 -29.79 8.58 -11.73
C ALA C 55 -30.59 8.26 -12.99
N ARG C 56 -30.03 7.46 -13.90
CA ARG C 56 -30.70 7.08 -15.13
C ARG C 56 -31.57 5.84 -14.93
N GLY C 57 -31.60 5.24 -13.73
CA GLY C 57 -32.43 4.09 -13.46
C GLY C 57 -31.84 2.75 -13.94
N GLU C 58 -30.55 2.74 -14.27
CA GLU C 58 -29.89 1.56 -14.81
C GLU C 58 -29.42 0.59 -13.71
N ILE C 59 -29.02 1.13 -12.56
CA ILE C 59 -28.71 0.32 -11.39
C ILE C 59 -29.48 0.87 -10.20
N GLY C 60 -29.67 0.04 -9.18
CA GLY C 60 -30.31 0.45 -7.95
C GLY C 60 -29.28 0.90 -6.90
N VAL C 61 -29.80 1.24 -5.73
CA VAL C 61 -29.01 1.77 -4.63
C VAL C 61 -28.07 0.70 -4.08
N ALA C 62 -28.48 -0.57 -4.10
CA ALA C 62 -27.66 -1.62 -3.52
C ALA C 62 -26.39 -1.80 -4.35
N GLU C 63 -26.50 -1.65 -5.67
CA GLU C 63 -25.32 -1.76 -6.53
C GLU C 63 -24.35 -0.61 -6.22
N GLU C 64 -24.87 0.62 -6.12
CA GLU C 64 -24.02 1.75 -5.79
C GLU C 64 -23.33 1.50 -4.44
N HIS C 65 -24.11 1.08 -3.43
CA HIS C 65 -23.61 0.81 -2.10
C HIS C 65 -22.41 -0.14 -2.14
N LEU C 66 -22.55 -1.24 -2.90
CA LEU C 66 -21.51 -2.27 -3.00
C LEU C 66 -20.24 -1.65 -3.59
N ALA C 67 -20.37 -0.92 -4.68
CA ALA C 67 -19.23 -0.29 -5.35
C ALA C 67 -18.57 0.72 -4.42
N SER C 68 -19.36 1.58 -3.77
CA SER C 68 -18.86 2.65 -2.92
C SER C 68 -18.12 2.09 -1.71
N THR C 69 -18.74 1.09 -1.07
CA THR C 69 -18.15 0.44 0.09
C THR C 69 -16.81 -0.19 -0.30
N PHE C 70 -16.76 -0.85 -1.46
CA PHE C 70 -15.53 -1.43 -1.96
C PHE C 70 -14.46 -0.35 -2.18
N LEU C 71 -14.78 0.75 -2.87
CA LEU C 71 -13.78 1.74 -3.22
C LEU C 71 -13.33 2.52 -1.97
N ARG C 72 -14.25 2.68 -1.01
CA ARG C 72 -13.93 3.31 0.26
C ARG C 72 -12.88 2.48 0.98
N ALA C 73 -13.03 1.15 0.97
CA ALA C 73 -12.07 0.26 1.60
C ALA C 73 -10.71 0.36 0.89
N ARG C 74 -10.69 0.46 -0.41
CA ARG C 74 -9.43 0.56 -1.14
C ARG C 74 -8.74 1.88 -0.78
N LEU C 75 -9.51 2.98 -0.68
CA LEU C 75 -8.90 4.28 -0.37
C LEU C 75 -8.37 4.26 1.08
N GLN C 76 -9.12 3.60 1.97
CA GLN C 76 -8.75 3.51 3.37
C GLN C 76 -7.43 2.76 3.52
N GLU C 77 -7.23 1.72 2.71
CA GLU C 77 -5.99 0.99 2.62
C GLU C 77 -4.83 1.92 2.28
N LEU C 78 -5.00 2.73 1.23
CA LEU C 78 -3.94 3.64 0.81
C LEU C 78 -3.66 4.68 1.89
N LEU C 79 -4.71 5.10 2.58
CA LEU C 79 -4.62 6.11 3.62
C LEU C 79 -3.74 5.60 4.76
N ASP C 80 -3.96 4.35 5.19
CA ASP C 80 -3.21 3.75 6.29
C ASP C 80 -1.76 3.44 5.87
N LEU C 81 -1.51 3.23 4.57
CA LEU C 81 -0.16 2.98 4.10
C LEU C 81 0.66 4.27 4.01
N ALA C 82 0.02 5.43 3.90
CA ALA C 82 0.74 6.70 3.91
C ALA C 82 1.35 6.96 5.29
N GLY C 83 2.33 7.86 5.38
CA GLY C 83 2.74 8.37 6.69
C GLY C 83 1.59 8.92 7.54
N PHE C 84 1.64 8.72 8.87
CA PHE C 84 0.95 9.60 9.81
C PHE C 84 2.00 10.25 10.71
N PRO C 85 2.50 11.45 10.34
CA PRO C 85 3.54 12.10 11.12
C PRO C 85 3.03 12.61 12.46
N PRO C 86 3.93 12.84 13.43
CA PRO C 86 3.58 13.54 14.66
C PRO C 86 3.35 15.05 14.45
N GLY C 87 2.85 15.72 15.49
CA GLY C 87 2.65 17.16 15.47
C GLY C 87 1.18 17.55 15.36
N PRO C 88 0.86 18.86 15.45
CA PRO C 88 -0.52 19.33 15.46
C PRO C 88 -1.33 18.78 14.29
N PRO C 89 -2.47 18.09 14.54
CA PRO C 89 -3.23 17.48 13.46
C PRO C 89 -4.06 18.46 12.64
N VAL C 90 -4.40 18.02 11.44
CA VAL C 90 -5.44 18.67 10.65
C VAL C 90 -6.67 17.77 10.68
N LEU C 91 -7.81 18.27 11.17
CA LEU C 91 -9.02 17.45 11.26
C LEU C 91 -9.76 17.53 9.92
N VAL C 92 -10.17 16.36 9.40
CA VAL C 92 -10.84 16.28 8.10
C VAL C 92 -12.17 15.56 8.29
N THR C 93 -13.25 16.20 7.80
CA THR C 93 -14.58 15.64 7.92
C THR C 93 -15.48 16.29 6.86
N THR C 94 -16.78 16.10 7.01
CA THR C 94 -17.76 16.74 6.15
C THR C 94 -18.73 17.53 7.03
N PRO C 95 -19.46 18.53 6.46
CA PRO C 95 -20.42 19.31 7.22
C PRO C 95 -21.55 18.45 7.79
N PRO C 96 -22.22 18.91 8.85
CA PRO C 96 -23.38 18.19 9.37
C PRO C 96 -24.40 17.99 8.25
N GLY C 97 -24.89 16.75 8.12
CA GLY C 97 -25.85 16.39 7.11
C GLY C 97 -25.21 15.91 5.80
N GLU C 98 -23.87 15.92 5.74
CA GLU C 98 -23.17 15.48 4.53
C GLU C 98 -22.64 14.07 4.76
N ARG C 99 -23.20 13.09 4.04
CA ARG C 99 -22.89 11.69 4.29
C ARG C 99 -21.97 11.11 3.20
N HIS C 100 -21.64 11.90 2.17
CA HIS C 100 -20.65 11.51 1.18
C HIS C 100 -19.27 11.74 1.78
N GLU C 101 -18.48 10.68 2.03
CA GLU C 101 -17.26 10.84 2.82
C GLU C 101 -15.97 10.71 1.99
N ILE C 102 -16.06 10.26 0.74
CA ILE C 102 -14.86 9.88 0.01
C ILE C 102 -14.03 11.12 -0.37
N GLY C 103 -14.67 12.25 -0.62
CA GLY C 103 -13.94 13.50 -0.85
C GLY C 103 -13.09 13.91 0.36
N ALA C 104 -13.65 13.79 1.57
CA ALA C 104 -12.90 14.08 2.78
C ALA C 104 -11.73 13.12 2.91
N MET C 105 -11.96 11.83 2.61
CA MET C 105 -10.90 10.83 2.66
C MET C 105 -9.81 11.20 1.67
N LEU C 106 -10.16 11.63 0.46
CA LEU C 106 -9.18 12.06 -0.53
C LEU C 106 -8.33 13.21 0.01
N ALA C 107 -8.97 14.21 0.61
CA ALA C 107 -8.27 15.35 1.19
C ALA C 107 -7.27 14.89 2.24
N ALA C 108 -7.70 13.98 3.13
CA ALA C 108 -6.83 13.45 4.16
C ALA C 108 -5.66 12.69 3.53
N TYR C 109 -5.95 11.93 2.47
CA TYR C 109 -4.94 11.14 1.80
C TYR C 109 -3.88 12.06 1.18
N HIS C 110 -4.32 13.08 0.43
CA HIS C 110 -3.40 14.02 -0.21
C HIS C 110 -2.53 14.71 0.83
N LEU C 111 -3.11 15.08 1.97
CA LEU C 111 -2.34 15.75 3.01
C LEU C 111 -1.28 14.82 3.58
N ARG C 112 -1.66 13.58 3.91
CA ARG C 112 -0.75 12.61 4.51
C ARG C 112 0.38 12.26 3.55
N ARG C 113 0.06 12.15 2.26
CA ARG C 113 1.07 11.88 1.24
C ARG C 113 2.08 13.01 1.16
N LYS C 114 1.72 14.22 1.64
CA LYS C 114 2.64 15.34 1.71
C LYS C 114 3.19 15.53 3.13
N GLY C 115 2.99 14.56 4.03
CA GLY C 115 3.60 14.64 5.34
C GLY C 115 2.81 15.49 6.35
N VAL C 116 1.53 15.75 6.05
CA VAL C 116 0.67 16.48 6.98
C VAL C 116 -0.15 15.48 7.79
N PRO C 117 -0.19 15.58 9.13
CA PRO C 117 -0.95 14.65 9.97
C PRO C 117 -2.46 14.92 9.93
N ALA C 118 -3.09 14.51 8.82
CA ALA C 118 -4.50 14.65 8.60
C ALA C 118 -5.23 13.52 9.34
N LEU C 119 -6.02 13.89 10.36
CA LEU C 119 -6.88 12.99 11.11
C LEU C 119 -8.23 12.95 10.42
N TYR C 120 -8.56 11.84 9.76
CA TYR C 120 -9.85 11.67 9.15
C TYR C 120 -10.85 11.21 10.22
N LEU C 121 -11.94 11.97 10.41
CA LEU C 121 -12.87 11.71 11.51
C LEU C 121 -14.00 10.78 11.10
N GLY C 122 -14.17 10.54 9.80
CA GLY C 122 -15.45 10.14 9.26
C GLY C 122 -16.25 11.38 8.87
N PRO C 123 -17.44 11.18 8.24
CA PRO C 123 -18.29 12.29 7.84
C PRO C 123 -19.20 12.79 8.95
N ASP C 124 -19.79 13.96 8.73
CA ASP C 124 -21.04 14.38 9.35
C ASP C 124 -20.81 14.71 10.83
N THR C 125 -20.02 15.75 11.08
CA THR C 125 -19.63 16.11 12.43
C THR C 125 -20.27 17.45 12.84
N PRO C 126 -21.06 17.49 13.94
CA PRO C 126 -21.59 18.75 14.46
C PRO C 126 -20.47 19.75 14.72
N LEU C 127 -20.74 21.02 14.41
CA LEU C 127 -19.70 22.05 14.42
C LEU C 127 -19.16 22.29 15.83
N PRO C 128 -20.00 22.36 16.89
CA PRO C 128 -19.46 22.59 18.23
C PRO C 128 -18.51 21.47 18.66
N ASP C 129 -18.87 20.22 18.32
CA ASP C 129 -18.04 19.08 18.67
C ASP C 129 -16.72 19.09 17.90
N LEU C 130 -16.78 19.47 16.62
CA LEU C 130 -15.59 19.58 15.80
C LEU C 130 -14.66 20.65 16.36
N ARG C 131 -15.24 21.79 16.73
CA ARG C 131 -14.49 22.92 17.28
C ARG C 131 -13.80 22.51 18.57
N ALA C 132 -14.53 21.78 19.43
CA ALA C 132 -13.99 21.33 20.71
C ALA C 132 -12.81 20.39 20.50
N LEU C 133 -12.90 19.47 19.54
CA LEU C 133 -11.81 18.53 19.31
C LEU C 133 -10.59 19.28 18.77
N ALA C 134 -10.81 20.20 17.83
CA ALA C 134 -9.71 20.97 17.25
C ALA C 134 -8.96 21.71 18.36
N ARG C 135 -9.72 22.31 19.27
CA ARG C 135 -9.19 23.09 20.37
C ARG C 135 -8.38 22.19 21.28
N ARG C 136 -8.94 21.05 21.65
CA ARG C 136 -8.32 20.16 22.64
C ARG C 136 -7.05 19.51 22.08
N LEU C 137 -7.02 19.21 20.77
CA LEU C 137 -5.83 18.62 20.15
C LEU C 137 -4.89 19.71 19.63
N GLY C 138 -5.24 20.98 19.77
CA GLY C 138 -4.45 22.05 19.20
C GLY C 138 -4.27 21.89 17.69
N ALA C 139 -5.33 21.48 16.99
CA ALA C 139 -5.26 21.27 15.55
C ALA C 139 -4.95 22.59 14.85
N GLY C 140 -4.08 22.53 13.84
CA GLY C 140 -3.70 23.71 13.07
C GLY C 140 -4.77 24.08 12.04
N ALA C 141 -5.54 23.09 11.59
CA ALA C 141 -6.57 23.36 10.61
C ALA C 141 -7.69 22.33 10.67
N VAL C 142 -8.82 22.73 10.08
CA VAL C 142 -9.93 21.85 9.80
C VAL C 142 -10.18 21.93 8.28
N VAL C 143 -10.45 20.78 7.69
CA VAL C 143 -10.78 20.66 6.28
C VAL C 143 -12.14 19.99 6.16
N LEU C 144 -13.04 20.60 5.38
CA LEU C 144 -14.36 20.07 5.11
C LEU C 144 -14.57 19.80 3.62
N SER C 145 -15.13 18.62 3.32
CA SER C 145 -15.55 18.24 1.99
C SER C 145 -17.08 18.32 1.89
N ALA C 146 -17.54 19.16 0.95
CA ALA C 146 -18.95 19.31 0.68
C ALA C 146 -19.24 18.77 -0.72
N VAL C 147 -20.00 17.66 -0.77
CA VAL C 147 -20.37 17.06 -2.03
C VAL C 147 -21.69 17.67 -2.49
N LEU C 148 -22.68 17.68 -1.58
CA LEU C 148 -23.94 18.39 -1.76
C LEU C 148 -23.80 19.86 -1.35
N SER C 149 -24.65 20.71 -1.91
CA SER C 149 -24.69 22.11 -1.52
C SER C 149 -25.61 22.33 -0.31
N GLU C 150 -26.60 21.45 -0.12
CA GLU C 150 -27.68 21.66 0.84
C GLU C 150 -27.16 21.72 2.27
N PRO C 151 -26.24 20.85 2.72
CA PRO C 151 -25.71 20.95 4.09
C PRO C 151 -25.02 22.28 4.39
N LEU C 152 -24.41 22.91 3.37
CA LEU C 152 -23.79 24.22 3.53
C LEU C 152 -24.87 25.29 3.64
N ARG C 153 -25.89 25.21 2.79
CA ARG C 153 -27.00 26.13 2.76
C ARG C 153 -27.71 26.16 4.13
N ALA C 154 -27.77 25.01 4.83
CA ALA C 154 -28.44 24.89 6.10
C ALA C 154 -27.67 25.60 7.22
N LEU C 155 -26.41 25.96 6.99
CA LEU C 155 -25.61 26.56 8.05
C LEU C 155 -25.79 28.05 8.04
N PRO C 156 -25.80 28.71 9.23
CA PRO C 156 -25.87 30.18 9.31
C PRO C 156 -24.55 30.88 8.88
N ASP C 157 -24.67 32.15 8.48
CA ASP C 157 -23.51 32.94 8.10
C ASP C 157 -22.43 32.82 9.18
N GLY C 158 -21.19 32.58 8.74
CA GLY C 158 -20.03 32.59 9.61
C GLY C 158 -19.86 31.30 10.43
N ALA C 159 -20.64 30.25 10.14
CA ALA C 159 -20.68 29.10 11.03
C ALA C 159 -19.35 28.35 11.05
N LEU C 160 -18.52 28.47 10.01
CA LEU C 160 -17.26 27.72 9.94
C LEU C 160 -16.08 28.54 10.46
N LYS C 161 -16.33 29.80 10.81
CA LYS C 161 -15.30 30.84 10.87
C LYS C 161 -14.12 30.49 11.80
N ASP C 162 -14.39 29.96 12.99
CA ASP C 162 -13.29 29.75 13.93
C ASP C 162 -13.33 28.33 14.50
N LEU C 163 -13.50 27.36 13.60
CA LEU C 163 -13.41 25.97 13.97
C LEU C 163 -11.96 25.68 14.38
N ALA C 164 -11.02 26.39 13.72
CA ALA C 164 -9.60 26.15 13.89
C ALA C 164 -8.89 27.37 13.31
N PRO C 165 -7.55 27.54 13.50
CA PRO C 165 -6.87 28.71 12.96
C PRO C 165 -6.97 28.85 11.45
N ARG C 166 -7.04 27.73 10.72
CA ARG C 166 -7.34 27.71 9.30
C ARG C 166 -8.51 26.76 9.09
N VAL C 167 -9.49 27.19 8.31
CA VAL C 167 -10.60 26.35 7.91
C VAL C 167 -10.72 26.35 6.39
N PHE C 168 -10.64 25.15 5.80
CA PHE C 168 -10.70 24.98 4.36
C PHE C 168 -11.97 24.25 3.98
N LEU C 169 -12.59 24.73 2.90
CA LEU C 169 -13.79 24.13 2.37
C LEU C 169 -13.61 23.87 0.87
N GLY C 170 -14.00 22.66 0.45
CA GLY C 170 -13.95 22.31 -0.96
C GLY C 170 -14.95 21.21 -1.28
N GLY C 171 -14.98 20.84 -2.57
CA GLY C 171 -15.86 19.80 -3.07
C GLY C 171 -16.86 20.37 -4.05
N GLN C 172 -17.62 19.49 -4.72
CA GLN C 172 -18.54 19.89 -5.79
C GLN C 172 -19.69 20.71 -5.20
N GLY C 173 -20.02 20.49 -3.92
CA GLY C 173 -21.09 21.22 -3.25
C GLY C 173 -20.69 22.64 -2.81
N ALA C 174 -19.41 22.98 -2.90
CA ALA C 174 -18.91 24.22 -2.35
C ALA C 174 -18.45 25.14 -3.47
N GLY C 175 -18.52 26.45 -3.21
CA GLY C 175 -18.04 27.47 -4.12
C GLY C 175 -17.46 28.63 -3.32
N PRO C 176 -16.73 29.56 -3.98
CA PRO C 176 -16.12 30.70 -3.29
C PRO C 176 -17.08 31.55 -2.47
N GLU C 177 -18.26 31.83 -3.03
CA GLU C 177 -19.23 32.70 -2.38
C GLU C 177 -19.75 32.06 -1.10
N GLU C 178 -20.05 30.76 -1.15
CA GLU C 178 -20.60 30.08 0.02
C GLU C 178 -19.52 29.95 1.09
N ALA C 179 -18.28 29.72 0.67
CA ALA C 179 -17.17 29.68 1.60
C ALA C 179 -17.05 31.01 2.35
N ARG C 180 -17.14 32.11 1.60
CA ARG C 180 -17.05 33.45 2.16
C ARG C 180 -18.19 33.68 3.15
N ARG C 181 -19.42 33.31 2.77
CA ARG C 181 -20.57 33.48 3.64
C ARG C 181 -20.34 32.74 4.95
N LEU C 182 -19.68 31.57 4.89
CA LEU C 182 -19.54 30.70 6.04
C LEU C 182 -18.27 31.01 6.81
N GLY C 183 -17.36 31.80 6.23
CA GLY C 183 -16.10 32.17 6.87
C GLY C 183 -15.02 31.09 6.75
N ALA C 184 -15.03 30.33 5.66
CA ALA C 184 -13.98 29.36 5.38
C ALA C 184 -13.15 29.84 4.20
N GLU C 185 -11.92 29.35 4.09
CA GLU C 185 -11.11 29.50 2.89
C GLU C 185 -11.54 28.45 1.88
N TYR C 186 -11.89 28.90 0.68
CA TYR C 186 -12.28 28.03 -0.40
C TYR C 186 -11.04 27.42 -1.07
N MET C 187 -11.05 26.09 -1.27
CA MET C 187 -9.99 25.45 -2.01
C MET C 187 -10.57 24.61 -3.15
N GLU C 188 -10.00 24.80 -4.35
CA GLU C 188 -10.45 24.17 -5.57
C GLU C 188 -9.81 22.80 -5.74
N ASP C 189 -8.48 22.75 -5.60
CA ASP C 189 -7.68 21.56 -5.85
C ASP C 189 -7.19 20.96 -4.54
N LEU C 190 -7.23 19.63 -4.46
CA LEU C 190 -6.65 18.89 -3.35
C LEU C 190 -5.16 19.16 -3.22
N LYS C 191 -4.47 19.43 -4.34
CA LYS C 191 -3.05 19.64 -4.34
C LYS C 191 -2.70 21.01 -3.76
N GLY C 192 -3.63 21.97 -3.90
CA GLY C 192 -3.47 23.29 -3.30
C GLY C 192 -3.59 23.26 -1.77
N LEU C 193 -4.14 22.18 -1.22
CA LEU C 193 -4.40 22.09 0.21
C LEU C 193 -3.08 22.02 0.98
N ALA C 194 -2.19 21.12 0.52
CA ALA C 194 -0.91 20.90 1.17
C ALA C 194 -0.04 22.14 1.04
N GLU C 195 -0.06 22.77 -0.16
CA GLU C 195 0.63 24.04 -0.36
C GLU C 195 0.18 25.07 0.69
N ALA C 196 -1.14 25.21 0.87
CA ALA C 196 -1.66 26.23 1.76
C ALA C 196 -1.15 25.99 3.18
N LEU C 197 -1.12 24.72 3.60
CA LEU C 197 -0.50 24.33 4.85
C LEU C 197 0.99 24.09 4.59
N ASP D 5 -4.68 -2.35 30.71
CA ASP D 5 -5.84 -2.64 29.82
C ASP D 5 -5.54 -2.05 28.44
N LEU D 6 -5.54 -2.92 27.41
CA LEU D 6 -5.38 -2.46 26.04
C LEU D 6 -6.56 -1.59 25.63
N GLY D 7 -7.78 -1.92 26.12
CA GLY D 7 -8.98 -1.17 25.81
C GLY D 7 -8.90 0.30 26.25
N THR D 8 -8.46 0.52 27.50
CA THR D 8 -8.27 1.85 28.02
C THR D 8 -7.19 2.56 27.23
N GLY D 9 -6.02 1.90 27.07
CA GLY D 9 -4.93 2.48 26.31
C GLY D 9 -5.37 2.89 24.90
N LEU D 10 -6.14 2.02 24.24
CA LEU D 10 -6.53 2.25 22.86
C LEU D 10 -7.47 3.46 22.77
N LEU D 11 -8.48 3.49 23.63
CA LEU D 11 -9.42 4.60 23.69
C LEU D 11 -8.68 5.91 23.96
N GLU D 12 -7.75 5.89 24.94
CA GLU D 12 -7.01 7.09 25.30
C GLU D 12 -6.17 7.56 24.12
N ALA D 13 -5.52 6.63 23.40
CA ALA D 13 -4.69 7.01 22.27
C ALA D 13 -5.54 7.66 21.20
N LEU D 14 -6.73 7.08 20.96
CA LEU D 14 -7.65 7.61 19.96
C LEU D 14 -8.11 9.02 20.36
N LEU D 15 -8.47 9.22 21.63
CA LEU D 15 -9.04 10.49 22.09
C LEU D 15 -8.02 11.63 22.00
N ARG D 16 -6.72 11.29 22.02
CA ARG D 16 -5.71 12.32 21.90
C ARG D 16 -5.17 12.37 20.47
N GLY D 17 -5.80 11.63 19.53
CA GLY D 17 -5.44 11.71 18.13
C GLY D 17 -4.09 11.08 17.83
N ASP D 18 -3.70 10.10 18.67
CA ASP D 18 -2.47 9.35 18.45
C ASP D 18 -2.81 8.08 17.66
N LEU D 19 -2.91 8.23 16.33
CA LEU D 19 -3.25 7.12 15.45
C LEU D 19 -2.17 6.04 15.46
N ALA D 20 -0.89 6.44 15.44
CA ALA D 20 0.20 5.47 15.47
C ALA D 20 0.10 4.58 16.72
N GLY D 21 -0.06 5.22 17.87
CA GLY D 21 -0.18 4.50 19.13
C GLY D 21 -1.39 3.60 19.16
N ALA D 22 -2.51 4.11 18.64
CA ALA D 22 -3.75 3.36 18.58
C ALA D 22 -3.57 2.13 17.71
N GLU D 23 -2.91 2.32 16.55
CA GLU D 23 -2.67 1.19 15.67
C GLU D 23 -1.77 0.15 16.32
N ALA D 24 -0.73 0.56 17.03
CA ALA D 24 0.17 -0.37 17.69
C ALA D 24 -0.57 -1.20 18.75
N LEU D 25 -1.46 -0.54 19.51
CA LEU D 25 -2.20 -1.21 20.57
C LEU D 25 -3.19 -2.20 19.97
N PHE D 26 -3.87 -1.80 18.88
CA PHE D 26 -4.79 -2.69 18.21
C PHE D 26 -4.03 -3.92 17.69
N ARG D 27 -2.88 -3.69 17.05
CA ARG D 27 -2.07 -4.78 16.53
C ARG D 27 -1.64 -5.73 17.64
N ARG D 28 -1.27 -5.20 18.81
CA ARG D 28 -0.88 -6.04 19.93
C ARG D 28 -2.06 -6.92 20.32
N GLY D 29 -3.26 -6.33 20.42
CA GLY D 29 -4.45 -7.09 20.75
C GLY D 29 -4.69 -8.21 19.73
N LEU D 30 -4.53 -7.86 18.46
CA LEU D 30 -4.70 -8.81 17.37
C LEU D 30 -3.70 -9.96 17.52
N ARG D 31 -2.45 -9.65 17.85
CA ARG D 31 -1.42 -10.68 17.96
C ARG D 31 -1.69 -11.55 19.18
N PHE D 32 -2.24 -10.99 20.25
CA PHE D 32 -2.41 -11.72 21.48
C PHE D 32 -3.68 -12.58 21.45
N TRP D 33 -4.81 -11.98 21.06
CA TRP D 33 -6.13 -12.61 21.13
CA TRP D 33 -6.11 -12.64 21.15
C TRP D 33 -6.47 -13.36 19.85
N GLY D 34 -5.87 -12.94 18.72
CA GLY D 34 -6.28 -13.43 17.41
C GLY D 34 -7.44 -12.61 16.87
N PRO D 35 -7.89 -12.85 15.61
CA PRO D 35 -8.92 -12.02 14.99
C PRO D 35 -10.26 -11.98 15.74
N GLU D 36 -10.83 -13.14 16.06
CA GLU D 36 -12.05 -13.24 16.84
C GLU D 36 -11.92 -12.55 18.19
N GLY D 37 -10.82 -12.88 18.88
CA GLY D 37 -10.60 -12.44 20.23
C GLY D 37 -10.44 -10.92 20.32
N VAL D 38 -9.76 -10.31 19.34
CA VAL D 38 -9.54 -8.87 19.40
C VAL D 38 -10.89 -8.17 19.24
N LEU D 39 -11.80 -8.74 18.46
CA LEU D 39 -13.11 -8.15 18.31
C LEU D 39 -13.85 -8.17 19.64
N GLU D 40 -13.79 -9.31 20.33
CA GLU D 40 -14.57 -9.51 21.55
C GLU D 40 -13.92 -8.77 22.73
N HIS D 41 -12.58 -8.73 22.75
CA HIS D 41 -11.88 -8.21 23.92
C HIS D 41 -11.49 -6.75 23.73
N LEU D 42 -11.50 -6.22 22.51
CA LEU D 42 -10.96 -4.89 22.29
C LEU D 42 -11.89 -4.00 21.47
N LEU D 43 -12.26 -4.44 20.28
CA LEU D 43 -13.04 -3.59 19.38
C LEU D 43 -14.42 -3.26 19.95
N LEU D 44 -15.13 -4.30 20.39
CA LEU D 44 -16.50 -4.15 20.84
C LEU D 44 -16.53 -3.35 22.15
N PRO D 45 -15.73 -3.70 23.20
CA PRO D 45 -15.73 -2.92 24.43
C PRO D 45 -15.41 -1.44 24.23
N VAL D 46 -14.46 -1.13 23.33
CA VAL D 46 -14.10 0.26 23.12
C VAL D 46 -15.28 0.99 22.49
N LEU D 47 -15.94 0.42 21.47
CA LEU D 47 -17.08 1.07 20.84
C LEU D 47 -18.20 1.27 21.86
N ARG D 48 -18.46 0.26 22.71
CA ARG D 48 -19.53 0.39 23.68
C ARG D 48 -19.23 1.54 24.65
N GLU D 49 -17.96 1.61 25.09
CA GLU D 49 -17.55 2.60 26.06
C GLU D 49 -17.58 4.00 25.45
N VAL D 50 -17.24 4.10 24.16
CA VAL D 50 -17.33 5.37 23.45
C VAL D 50 -18.77 5.88 23.50
N GLY D 51 -19.73 4.98 23.27
CA GLY D 51 -21.15 5.31 23.31
C GLY D 51 -21.60 5.79 24.69
N GLU D 52 -21.15 5.10 25.75
CA GLU D 52 -21.50 5.42 27.11
C GLU D 52 -20.92 6.78 27.53
N ALA D 53 -19.67 7.03 27.12
CA ALA D 53 -18.98 8.27 27.43
C ALA D 53 -19.68 9.45 26.76
N TRP D 54 -20.07 9.30 25.49
CA TRP D 54 -20.83 10.33 24.80
C TRP D 54 -22.13 10.61 25.53
N ALA D 55 -22.86 9.53 25.87
CA ALA D 55 -24.17 9.61 26.51
C ALA D 55 -24.06 10.30 27.87
N ARG D 56 -22.93 10.13 28.56
CA ARG D 56 -22.71 10.76 29.86
C ARG D 56 -22.14 12.16 29.71
N GLY D 57 -21.88 12.63 28.49
CA GLY D 57 -21.40 14.00 28.28
C GLY D 57 -19.89 14.15 28.44
N GLU D 58 -19.16 13.03 28.48
CA GLU D 58 -17.73 13.03 28.76
C GLU D 58 -16.91 13.28 27.50
N ILE D 59 -17.39 12.80 26.34
CA ILE D 59 -16.73 13.10 25.07
C ILE D 59 -17.77 13.66 24.12
N GLY D 60 -17.26 14.39 23.10
CA GLY D 60 -18.11 14.92 22.04
C GLY D 60 -18.23 13.97 20.87
N VAL D 61 -19.03 14.37 19.87
CA VAL D 61 -19.33 13.53 18.71
C VAL D 61 -18.07 13.29 17.88
N ALA D 62 -17.18 14.29 17.80
CA ALA D 62 -16.00 14.18 16.97
C ALA D 62 -15.07 13.10 17.53
N GLU D 63 -15.00 12.97 18.85
CA GLU D 63 -14.19 11.93 19.44
C GLU D 63 -14.75 10.55 19.11
N GLU D 64 -16.06 10.38 19.25
CA GLU D 64 -16.69 9.12 18.91
C GLU D 64 -16.41 8.79 17.44
N HIS D 65 -16.63 9.77 16.55
CA HIS D 65 -16.41 9.62 15.13
C HIS D 65 -15.00 9.07 14.85
N LEU D 66 -13.98 9.66 15.49
CA LEU D 66 -12.61 9.28 15.26
C LEU D 66 -12.37 7.84 15.67
N ALA D 67 -12.88 7.46 16.84
CA ALA D 67 -12.73 6.10 17.33
C ALA D 67 -13.42 5.11 16.42
N SER D 68 -14.67 5.42 16.05
CA SER D 68 -15.50 4.54 15.23
C SER D 68 -14.89 4.34 13.84
N THR D 69 -14.44 5.45 13.24
CA THR D 69 -13.83 5.42 11.92
C THR D 69 -12.57 4.55 11.95
N PHE D 70 -11.76 4.69 13.00
CA PHE D 70 -10.58 3.87 13.18
C PHE D 70 -10.94 2.38 13.28
N LEU D 71 -11.92 2.03 14.15
CA LEU D 71 -12.23 0.63 14.37
C LEU D 71 -12.91 0.03 13.14
N ARG D 72 -13.69 0.84 12.42
CA ARG D 72 -14.31 0.40 11.20
C ARG D 72 -13.23 0.03 10.17
N ALA D 73 -12.16 0.82 10.08
CA ALA D 73 -11.06 0.52 9.17
C ALA D 73 -10.39 -0.79 9.56
N ARG D 74 -10.17 -1.00 10.85
CA ARG D 74 -9.54 -2.21 11.32
C ARG D 74 -10.43 -3.42 11.03
N LEU D 75 -11.74 -3.28 11.21
CA LEU D 75 -12.64 -4.42 10.98
C LEU D 75 -12.72 -4.71 9.49
N GLN D 76 -12.64 -3.68 8.64
CA GLN D 76 -12.68 -3.85 7.20
C GLN D 76 -11.46 -4.63 6.73
N GLU D 77 -10.32 -4.34 7.35
CA GLU D 77 -9.10 -5.10 7.16
C GLU D 77 -9.31 -6.58 7.51
N LEU D 78 -9.88 -6.87 8.68
CA LEU D 78 -10.13 -8.26 9.10
C LEU D 78 -11.09 -8.94 8.15
N LEU D 79 -12.08 -8.19 7.65
CA LEU D 79 -13.08 -8.72 6.75
C LEU D 79 -12.43 -9.20 5.46
N ASP D 80 -11.52 -8.41 4.90
CA ASP D 80 -10.83 -8.75 3.66
C ASP D 80 -9.80 -9.86 3.89
N LEU D 81 -9.26 -9.98 5.10
CA LEU D 81 -8.32 -11.03 5.45
C LEU D 81 -9.01 -12.38 5.61
N ALA D 82 -10.29 -12.37 6.03
CA ALA D 82 -11.06 -13.59 6.20
C ALA D 82 -11.33 -14.17 4.81
N GLY D 83 -11.19 -13.31 3.82
CA GLY D 83 -11.36 -13.75 2.44
C GLY D 83 -12.83 -13.68 2.03
N PHE D 84 -13.01 -13.80 0.72
CA PHE D 84 -14.32 -13.83 0.11
C PHE D 84 -14.39 -15.09 -0.73
N PRO D 85 -14.97 -16.18 -0.17
CA PRO D 85 -15.05 -17.44 -0.89
C PRO D 85 -16.00 -17.39 -2.08
N PRO D 86 -15.88 -18.35 -3.01
CA PRO D 86 -16.80 -18.42 -4.15
C PRO D 86 -18.20 -18.90 -3.77
N GLY D 87 -19.14 -18.79 -4.74
CA GLY D 87 -20.47 -19.34 -4.58
C GLY D 87 -21.52 -18.24 -4.45
N PRO D 88 -22.83 -18.61 -4.47
CA PRO D 88 -23.90 -17.63 -4.32
C PRO D 88 -23.71 -16.79 -3.06
N PRO D 89 -23.69 -15.44 -3.17
CA PRO D 89 -23.38 -14.59 -2.02
C PRO D 89 -24.54 -14.45 -1.04
N VAL D 90 -24.17 -14.08 0.17
CA VAL D 90 -25.10 -13.63 1.19
C VAL D 90 -24.91 -12.13 1.32
N LEU D 91 -25.99 -11.35 1.11
CA LEU D 91 -25.89 -9.91 1.17
C LEU D 91 -26.09 -9.45 2.60
N VAL D 92 -25.19 -8.57 3.07
CA VAL D 92 -25.23 -8.09 4.44
C VAL D 92 -25.31 -6.57 4.42
N THR D 93 -26.29 -6.01 5.13
CA THR D 93 -26.46 -4.57 5.24
C THR D 93 -27.28 -4.25 6.50
N THR D 94 -27.81 -3.03 6.57
CA THR D 94 -28.67 -2.61 7.66
C THR D 94 -29.96 -2.08 7.03
N PRO D 95 -31.07 -2.01 7.83
CA PRO D 95 -32.34 -1.48 7.32
C PRO D 95 -32.22 -0.02 6.89
N PRO D 96 -33.16 0.46 6.03
CA PRO D 96 -33.20 1.88 5.68
C PRO D 96 -33.32 2.72 6.96
N GLY D 97 -32.47 3.76 7.06
CA GLY D 97 -32.44 4.63 8.22
C GLY D 97 -31.51 4.15 9.34
N GLU D 98 -30.87 2.98 9.15
CA GLU D 98 -29.91 2.47 10.12
C GLU D 98 -28.49 2.79 9.65
N ARG D 99 -27.80 3.69 10.36
CA ARG D 99 -26.49 4.17 9.92
C ARG D 99 -25.36 3.54 10.74
N HIS D 100 -25.68 2.76 11.76
CA HIS D 100 -24.68 2.00 12.52
C HIS D 100 -24.33 0.76 11.68
N GLU D 101 -23.08 0.66 11.21
CA GLU D 101 -22.75 -0.37 10.23
C GLU D 101 -21.88 -1.48 10.79
N ILE D 102 -21.30 -1.32 11.97
CA ILE D 102 -20.29 -2.25 12.45
C ILE D 102 -20.90 -3.62 12.81
N GLY D 103 -22.15 -3.66 13.29
CA GLY D 103 -22.83 -4.94 13.50
C GLY D 103 -22.95 -5.76 12.21
N ALA D 104 -23.34 -5.09 11.12
CA ALA D 104 -23.43 -5.76 9.83
C ALA D 104 -22.04 -6.27 9.39
N MET D 105 -21.02 -5.46 9.61
CA MET D 105 -19.66 -5.85 9.26
C MET D 105 -19.24 -7.09 10.06
N LEU D 106 -19.59 -7.13 11.35
CA LEU D 106 -19.30 -8.29 12.18
C LEU D 106 -19.96 -9.54 11.63
N ALA D 107 -21.23 -9.43 11.25
CA ALA D 107 -21.98 -10.55 10.72
C ALA D 107 -21.30 -11.09 9.45
N ALA D 108 -20.89 -10.17 8.55
CA ALA D 108 -20.18 -10.54 7.35
C ALA D 108 -18.85 -11.23 7.70
N TYR D 109 -18.15 -10.72 8.71
CA TYR D 109 -16.87 -11.29 9.10
C TYR D 109 -17.06 -12.74 9.59
N HIS D 110 -18.02 -12.93 10.51
CA HIS D 110 -18.24 -14.26 11.09
C HIS D 110 -18.64 -15.26 10.00
N LEU D 111 -19.46 -14.81 9.03
CA LEU D 111 -19.89 -15.70 7.97
C LEU D 111 -18.69 -16.10 7.11
N ARG D 112 -17.86 -15.11 6.72
CA ARG D 112 -16.71 -15.37 5.86
C ARG D 112 -15.72 -16.30 6.53
N ARG D 113 -15.53 -16.13 7.84
CA ARG D 113 -14.63 -16.98 8.59
C ARG D 113 -15.12 -18.42 8.60
N LYS D 114 -16.42 -18.63 8.37
CA LYS D 114 -16.98 -19.98 8.26
C LYS D 114 -17.15 -20.39 6.80
N GLY D 115 -16.58 -19.65 5.85
CA GLY D 115 -16.57 -20.08 4.46
C GLY D 115 -17.82 -19.64 3.70
N VAL D 116 -18.62 -18.73 4.26
CA VAL D 116 -19.79 -18.21 3.58
C VAL D 116 -19.44 -16.89 2.87
N PRO D 117 -19.76 -16.74 1.56
CA PRO D 117 -19.43 -15.52 0.81
C PRO D 117 -20.35 -14.36 1.18
N ALA D 118 -20.06 -13.72 2.32
CA ALA D 118 -20.84 -12.60 2.78
C ALA D 118 -20.35 -11.33 2.11
N LEU D 119 -21.18 -10.75 1.22
CA LEU D 119 -20.95 -9.48 0.56
C LEU D 119 -21.52 -8.37 1.44
N TYR D 120 -20.63 -7.60 2.06
CA TYR D 120 -21.02 -6.45 2.85
C TYR D 120 -21.31 -5.28 1.91
N LEU D 121 -22.53 -4.71 1.97
CA LEU D 121 -22.94 -3.69 1.04
C LEU D 121 -22.61 -2.26 1.51
N GLY D 122 -22.24 -2.10 2.77
CA GLY D 122 -22.43 -0.84 3.46
C GLY D 122 -23.82 -0.80 4.12
N PRO D 123 -24.10 0.22 4.95
CA PRO D 123 -25.38 0.33 5.65
C PRO D 123 -26.47 0.99 4.79
N ASP D 124 -27.71 0.86 5.25
CA ASP D 124 -28.80 1.79 4.93
C ASP D 124 -29.23 1.62 3.47
N THR D 125 -29.79 0.43 3.19
CA THR D 125 -30.15 0.07 1.83
C THR D 125 -31.67 -0.02 1.72
N PRO D 126 -32.32 0.75 0.81
CA PRO D 126 -33.75 0.62 0.58
C PRO D 126 -34.10 -0.82 0.18
N LEU D 127 -35.23 -1.33 0.67
CA LEU D 127 -35.55 -2.74 0.54
C LEU D 127 -35.80 -3.14 -0.91
N PRO D 128 -36.48 -2.35 -1.78
CA PRO D 128 -36.65 -2.76 -3.17
C PRO D 128 -35.29 -2.90 -3.89
N ASP D 129 -34.36 -1.98 -3.59
CA ASP D 129 -33.02 -2.07 -4.17
C ASP D 129 -32.25 -3.29 -3.68
N LEU D 130 -32.40 -3.60 -2.39
CA LEU D 130 -31.76 -4.77 -1.80
C LEU D 130 -32.29 -6.04 -2.46
N ARG D 131 -33.61 -6.10 -2.63
CA ARG D 131 -34.30 -7.23 -3.24
C ARG D 131 -33.80 -7.44 -4.67
N ALA D 132 -33.67 -6.33 -5.43
CA ALA D 132 -33.19 -6.39 -6.80
C ALA D 132 -31.76 -6.93 -6.87
N LEU D 133 -30.87 -6.48 -5.96
CA LEU D 133 -29.49 -6.95 -6.02
C LEU D 133 -29.40 -8.43 -5.64
N ALA D 134 -30.16 -8.84 -4.61
CA ALA D 134 -30.19 -10.25 -4.24
C ALA D 134 -30.60 -11.11 -5.41
N ARG D 135 -31.63 -10.66 -6.13
CA ARG D 135 -32.17 -11.35 -7.28
C ARG D 135 -31.12 -11.46 -8.37
N ARG D 136 -30.45 -10.34 -8.66
CA ARG D 136 -29.51 -10.27 -9.78
C ARG D 136 -28.27 -11.12 -9.50
N LEU D 137 -27.82 -11.18 -8.23
CA LEU D 137 -26.68 -11.98 -7.85
C LEU D 137 -27.09 -13.40 -7.48
N GLY D 138 -28.37 -13.73 -7.53
CA GLY D 138 -28.85 -15.03 -7.06
C GLY D 138 -28.40 -15.34 -5.62
N ALA D 139 -28.49 -14.33 -4.75
CA ALA D 139 -28.05 -14.48 -3.37
C ALA D 139 -28.93 -15.50 -2.65
N GLY D 140 -28.32 -16.38 -1.85
CA GLY D 140 -29.08 -17.40 -1.13
C GLY D 140 -29.70 -16.83 0.15
N ALA D 141 -29.09 -15.74 0.68
CA ALA D 141 -29.60 -15.17 1.91
C ALA D 141 -29.26 -13.70 1.98
N VAL D 142 -30.07 -13.02 2.80
CA VAL D 142 -29.83 -11.64 3.18
C VAL D 142 -29.74 -11.59 4.70
N VAL D 143 -28.79 -10.81 5.22
CA VAL D 143 -28.59 -10.63 6.65
C VAL D 143 -28.66 -9.13 6.95
N LEU D 144 -29.49 -8.77 7.93
CA LEU D 144 -29.62 -7.39 8.38
C LEU D 144 -29.24 -7.22 9.86
N SER D 145 -28.49 -6.14 10.12
CA SER D 145 -28.15 -5.71 11.47
C SER D 145 -28.95 -4.47 11.85
N ALA D 146 -29.72 -4.60 12.93
CA ALA D 146 -30.50 -3.50 13.47
C ALA D 146 -29.92 -3.13 14.83
N VAL D 147 -29.35 -1.93 14.92
CA VAL D 147 -28.81 -1.42 16.16
C VAL D 147 -29.91 -0.65 16.88
N LEU D 148 -30.56 0.26 16.17
CA LEU D 148 -31.76 0.97 16.63
C LEU D 148 -33.01 0.14 16.32
N SER D 149 -34.06 0.34 17.12
CA SER D 149 -35.33 -0.31 16.87
C SER D 149 -36.20 0.49 15.90
N GLU D 150 -35.99 1.81 15.83
CA GLU D 150 -36.90 2.72 15.12
C GLU D 150 -36.93 2.40 13.62
N PRO D 151 -35.79 2.14 12.93
CA PRO D 151 -35.84 1.81 11.51
C PRO D 151 -36.67 0.55 11.21
N LEU D 152 -36.70 -0.42 12.13
CA LEU D 152 -37.53 -1.61 11.94
C LEU D 152 -39.02 -1.26 12.11
N ARG D 153 -39.32 -0.45 13.14
CA ARG D 153 -40.69 -0.05 13.43
C ARG D 153 -41.30 0.72 12.25
N ALA D 154 -40.47 1.47 11.50
CA ALA D 154 -40.95 2.24 10.37
C ALA D 154 -41.29 1.34 9.16
N LEU D 155 -40.90 0.07 9.17
CA LEU D 155 -41.09 -0.78 8.02
C LEU D 155 -42.46 -1.43 8.08
N PRO D 156 -43.10 -1.65 6.91
CA PRO D 156 -44.40 -2.35 6.86
C PRO D 156 -44.33 -3.83 7.20
N ASP D 157 -45.43 -4.41 7.69
CA ASP D 157 -45.48 -5.83 7.97
C ASP D 157 -45.01 -6.58 6.72
N GLY D 158 -44.12 -7.57 6.92
CA GLY D 158 -43.73 -8.48 5.86
C GLY D 158 -42.68 -7.90 4.91
N ALA D 159 -42.14 -6.72 5.22
CA ALA D 159 -41.27 -6.02 4.27
C ALA D 159 -39.99 -6.81 3.98
N LEU D 160 -39.55 -7.70 4.88
CA LEU D 160 -38.28 -8.41 4.69
C LEU D 160 -38.50 -9.77 4.04
N LYS D 161 -39.77 -10.16 3.89
CA LYS D 161 -40.14 -11.42 3.27
C LYS D 161 -39.58 -11.50 1.86
N ASP D 162 -38.92 -12.61 1.58
CA ASP D 162 -38.54 -12.99 0.23
C ASP D 162 -37.52 -12.03 -0.37
N LEU D 163 -36.77 -11.26 0.44
CA LEU D 163 -35.56 -10.61 -0.07
C LEU D 163 -34.58 -11.64 -0.61
N ALA D 164 -34.57 -12.82 0.03
CA ALA D 164 -33.92 -14.02 -0.47
C ALA D 164 -34.63 -15.19 0.17
N PRO D 165 -34.35 -16.45 -0.21
CA PRO D 165 -34.98 -17.61 0.45
C PRO D 165 -34.77 -17.64 1.96
N ARG D 166 -33.63 -17.13 2.45
CA ARG D 166 -33.40 -16.97 3.87
C ARG D 166 -33.10 -15.52 4.16
N VAL D 167 -33.86 -14.95 5.13
CA VAL D 167 -33.60 -13.60 5.60
C VAL D 167 -33.41 -13.64 7.10
N PHE D 168 -32.26 -13.11 7.56
CA PHE D 168 -31.91 -13.11 8.96
C PHE D 168 -31.87 -11.67 9.49
N LEU D 169 -32.40 -11.49 10.69
CA LEU D 169 -32.37 -10.20 11.36
C LEU D 169 -31.83 -10.35 12.77
N GLY D 170 -30.90 -9.47 13.13
CA GLY D 170 -30.34 -9.46 14.47
C GLY D 170 -29.82 -8.09 14.85
N GLY D 171 -29.26 -8.00 16.06
CA GLY D 171 -28.76 -6.75 16.61
C GLY D 171 -29.61 -6.29 17.80
N GLN D 172 -29.13 -5.27 18.51
CA GLN D 172 -29.75 -4.80 19.76
C GLN D 172 -31.12 -4.19 19.47
N GLY D 173 -31.30 -3.66 18.26
CA GLY D 173 -32.55 -3.07 17.84
C GLY D 173 -33.62 -4.08 17.44
N ALA D 174 -33.26 -5.36 17.35
CA ALA D 174 -34.18 -6.36 16.84
C ALA D 174 -34.60 -7.31 17.96
N GLY D 175 -35.76 -7.91 17.80
CA GLY D 175 -36.29 -8.91 18.72
C GLY D 175 -37.13 -9.91 17.94
N PRO D 176 -37.47 -11.07 18.56
CA PRO D 176 -38.25 -12.12 17.88
C PRO D 176 -39.57 -11.64 17.29
N GLU D 177 -40.31 -10.81 18.04
CA GLU D 177 -41.64 -10.39 17.63
C GLU D 177 -41.55 -9.50 16.38
N GLU D 178 -40.59 -8.59 16.37
CA GLU D 178 -40.46 -7.67 15.26
C GLU D 178 -39.97 -8.41 14.02
N ALA D 179 -39.08 -9.39 14.22
CA ALA D 179 -38.63 -10.25 13.13
C ALA D 179 -39.82 -10.94 12.47
N ARG D 180 -40.69 -11.51 13.32
CA ARG D 180 -41.86 -12.23 12.85
C ARG D 180 -42.76 -11.28 12.06
N ARG D 181 -43.03 -10.08 12.60
CA ARG D 181 -43.88 -9.12 11.92
C ARG D 181 -43.32 -8.81 10.52
N LEU D 182 -41.99 -8.76 10.40
CA LEU D 182 -41.35 -8.32 9.18
C LEU D 182 -41.09 -9.49 8.23
N GLY D 183 -41.22 -10.73 8.74
CA GLY D 183 -41.02 -11.93 7.94
C GLY D 183 -39.53 -12.32 7.81
N ALA D 184 -38.73 -12.02 8.84
CA ALA D 184 -37.35 -12.46 8.90
C ALA D 184 -37.19 -13.51 9.98
N GLU D 185 -36.14 -14.32 9.87
CA GLU D 185 -35.69 -15.18 10.94
C GLU D 185 -34.84 -14.38 11.90
N TYR D 186 -35.22 -14.41 13.18
CA TYR D 186 -34.48 -13.72 14.22
C TYR D 186 -33.24 -14.51 14.64
N MET D 187 -32.10 -13.84 14.71
CA MET D 187 -30.87 -14.47 15.18
C MET D 187 -30.24 -13.65 16.31
N GLU D 188 -29.88 -14.31 17.40
CA GLU D 188 -29.26 -13.68 18.56
C GLU D 188 -27.74 -13.61 18.40
N ASP D 189 -27.13 -14.73 18.05
CA ASP D 189 -25.69 -14.91 18.10
C ASP D 189 -25.08 -14.94 16.70
N LEU D 190 -23.97 -14.21 16.52
CA LEU D 190 -23.28 -14.16 15.23
C LEU D 190 -22.80 -15.55 14.80
N LYS D 191 -22.43 -16.38 15.78
CA LYS D 191 -21.85 -17.68 15.44
C LYS D 191 -22.97 -18.64 15.01
N GLY D 192 -24.19 -18.40 15.51
CA GLY D 192 -25.36 -19.16 15.10
C GLY D 192 -25.77 -18.89 13.64
N LEU D 193 -25.24 -17.83 13.02
CA LEU D 193 -25.63 -17.43 11.69
C LEU D 193 -25.21 -18.46 10.66
N ALA D 194 -23.93 -18.87 10.73
CA ALA D 194 -23.36 -19.82 9.79
C ALA D 194 -24.02 -21.19 9.97
N GLU D 195 -24.23 -21.58 11.24
CA GLU D 195 -24.96 -22.80 11.55
C GLU D 195 -26.33 -22.80 10.85
N ALA D 196 -27.07 -21.68 10.96
CA ALA D 196 -28.42 -21.61 10.42
C ALA D 196 -28.39 -21.82 8.91
N LEU D 197 -27.39 -21.24 8.23
CA LEU D 197 -27.23 -21.53 6.82
C LEU D 197 -26.59 -22.91 6.64
CO B12 E . 24.58 -11.67 2.53
N21 B12 E . 25.21 -12.15 4.18
N22 B12 E . 26.42 -11.43 1.95
N23 B12 E . 23.78 -11.15 0.93
N24 B12 E . 22.90 -12.20 3.33
C1 B12 E . 24.29 -12.06 5.33
C20 B12 E . 24.28 -10.64 5.95
C2 B12 E . 24.83 -13.11 6.32
C25 B12 E . 24.44 -12.76 7.78
C26 B12 E . 24.38 -14.54 6.01
C27 B12 E . 24.91 -15.59 6.97
O28 B12 E . 26.09 -15.87 6.92
N29 B12 E . 24.07 -16.20 7.83
C3 B12 E . 26.34 -13.07 5.98
C30 B12 E . 27.20 -12.08 6.80
C31 B12 E . 27.90 -12.84 7.88
C32 B12 E . 28.72 -12.02 8.83
O34 B12 E . 29.15 -12.56 9.79
N33 B12 E . 29.00 -10.75 8.65
C4 B12 E . 26.35 -12.66 4.52
C5 B12 E . 27.54 -12.79 3.63
C35 B12 E . 28.78 -13.51 4.18
C6 B12 E . 27.51 -12.24 2.40
C7 B12 E . 28.63 -12.28 1.40
C36 B12 E . 30.03 -12.02 2.01
C37 B12 E . 28.49 -13.62 0.69
C38 B12 E . 29.50 -13.65 -0.41
O39 B12 E . 29.26 -13.24 -1.53
N40 B12 E . 30.67 -14.11 -0.10
C8 B12 E . 28.23 -11.16 0.45
C41 B12 E . 28.76 -9.78 0.79
C42 B12 E . 28.33 -8.74 -0.24
C43 B12 E . 28.77 -7.38 0.26
O44 B12 E . 29.78 -6.81 -0.12
N45 B12 E . 27.99 -6.78 1.15
C9 B12 E . 26.75 -11.18 0.65
C10 B12 E . 25.80 -10.88 -0.39
C11 B12 E . 24.46 -10.85 -0.22
C12 B12 E . 23.57 -10.43 -1.38
C46 B12 E . 23.50 -11.57 -2.39
C47 B12 E . 24.08 -9.18 -2.14
C13 B12 E . 22.27 -10.25 -0.60
C48 B12 E . 21.79 -8.82 -0.42
C49 B12 E . 20.83 -8.46 -1.55
C50 B12 E . 20.36 -7.02 -1.55
O51 B12 E . 20.07 -6.43 -0.51
N52 B12 E . 20.32 -6.41 -2.76
C14 B12 E . 22.53 -10.95 0.72
C15 B12 E . 21.40 -11.32 1.66
C53 B12 E . 20.03 -11.09 1.16
C16 B12 E . 21.63 -11.76 2.90
C17 B12 E . 20.61 -12.06 3.98
C54 B12 E . 19.98 -13.44 3.60
C55 B12 E . 19.48 -11.04 4.15
C56 B12 E . 19.93 -9.58 4.12
C57 B12 E . 18.74 -8.74 4.58
O58 B12 E . 18.17 -8.05 3.77
N59 B12 E . 18.37 -8.86 5.85
C18 B12 E . 21.49 -12.03 5.26
C60 B12 E . 21.01 -12.88 6.43
C61 B12 E . 20.82 -11.99 7.68
O63 B12 E . 20.83 -10.78 7.66
N62 B12 E . 20.68 -12.62 8.85
C19 B12 E . 22.90 -12.18 4.70
C1P B12 E . 17.38 -7.99 6.47
C2P B12 E . 18.25 -7.07 7.34
C3P B12 E . 18.22 -5.59 7.02
O3 B12 E . 17.88 -7.25 8.67
O4 B12 E . 20.26 -6.72 9.10
O5 B12 E . 18.78 -7.92 10.92
P B12 E . 18.95 -6.92 9.79
O2 B12 E . 18.44 -5.42 10.10
C3R B12 E . 17.64 -5.10 11.20
C2R B12 E . 18.40 -4.18 12.12
O7R B12 E . 19.81 -4.40 12.06
C1R B12 E . 17.93 -2.79 11.72
O6R B12 E . 16.69 -2.98 11.04
C4R B12 E . 16.43 -4.34 10.69
C5R B12 E . 15.08 -4.78 11.27
O8R B12 E . 15.15 -4.77 12.69
N1B B12 E . 18.76 -1.95 10.78
C8B B12 E . 18.99 -0.66 11.01
C2B B12 E . 19.33 -2.26 9.59
N3B B12 E . 19.98 -1.18 9.02
C9B B12 E . 19.79 -0.14 9.88
C4B B12 E . 20.20 1.18 9.89
C5B B12 E . 19.86 1.99 10.99
C5M B12 E . 20.28 3.44 10.98
C6B B12 E . 19.03 1.44 12.10
C6M B12 E . 18.61 2.24 13.27
C7B B12 E . 18.63 0.13 12.08
N1 5AD F . 27.75 -14.54 -5.53
C2 5AD F . 26.59 -13.97 -5.17
N3 5AD F . 25.92 -14.07 -4.03
C4 5AD F . 26.54 -14.91 -3.18
N9 5AD F . 26.12 -15.28 -1.92
C8 5AD F . 27.07 -16.19 -1.45
N7 5AD F . 28.05 -16.38 -2.31
C5 5AD F . 27.72 -15.59 -3.41
C6 5AD F . 28.35 -15.39 -4.66
N6 5AD F . 29.49 -15.96 -5.01
C1' 5AD F . 24.90 -14.91 -1.27
C2' 5AD F . 24.19 -16.13 -0.65
C3' 5AD F . 23.98 -15.74 0.82
C4' 5AD F . 24.14 -14.22 0.78
C5' 5AD F . 24.54 -13.60 2.09
O4' 5AD F . 25.18 -14.04 -0.20
O2' 5AD F . 22.96 -16.48 -1.26
O3' 5AD F . 22.71 -16.13 1.30
CO B12 G . 27.56 0.98 -14.29
N21 B12 G . 28.41 1.18 -15.92
N22 B12 G . 29.14 0.13 -13.59
N23 B12 G . 26.48 0.78 -12.74
N24 B12 G . 26.25 2.10 -15.14
C1 B12 G . 27.61 1.43 -17.12
C20 B12 G . 27.18 0.09 -17.72
C2 B12 G . 28.52 2.27 -18.08
C25 B12 G . 28.19 1.95 -19.52
C26 B12 G . 28.48 3.80 -17.92
C27 B12 G . 29.59 4.49 -18.74
O28 B12 G . 30.76 4.29 -18.48
N29 B12 G . 29.25 5.28 -19.73
C3 B12 G . 29.90 1.85 -17.56
C30 B12 G . 30.77 1.12 -18.58
C31 B12 G . 30.50 -0.33 -18.95
C32 B12 G . 31.55 -0.70 -19.99
O34 B12 G . 32.33 0.11 -20.38
N33 B12 G . 31.62 -1.92 -20.47
C4 B12 G . 29.67 1.24 -16.19
C5 B12 G . 30.75 0.97 -15.24
C35 B12 G . 32.15 1.40 -15.69
C6 B12 G . 30.47 0.44 -14.01
C7 B12 G . 31.45 0.08 -12.89
C36 B12 G . 32.75 -0.63 -13.28
C37 B12 G . 31.73 1.40 -12.17
C38 B12 G . 32.84 1.26 -11.14
O39 B12 G . 34.01 1.53 -11.41
N40 B12 G . 32.49 0.88 -9.93
C8 B12 G . 30.59 -0.79 -11.93
C41 B12 G . 30.64 -2.31 -12.19
C42 B12 G . 29.59 -3.15 -11.40
C43 B12 G . 29.60 -4.57 -11.91
O44 B12 G . 30.50 -5.36 -11.60
N45 B12 G . 28.66 -4.91 -12.75
C9 B12 G . 29.25 -0.17 -12.22
C10 B12 G . 28.19 -0.02 -11.23
C11 B12 G . 26.93 0.37 -11.54
C12 B12 G . 25.83 0.35 -10.46
C46 B12 G . 26.07 1.56 -9.55
C47 B12 G . 25.89 -0.98 -9.71
C13 B12 G . 24.59 0.57 -11.31
C48 B12 G . 23.65 -0.63 -11.50
C49 B12 G . 22.57 -0.66 -10.42
C50 B12 G . 21.65 -1.88 -10.51
O51 B12 G . 21.30 -2.39 -11.58
N52 B12 G . 21.18 -2.33 -9.35
C14 B12 G . 25.21 1.06 -12.62
C15 B12 G . 24.38 1.71 -13.64
C53 B12 G . 22.96 2.01 -13.30
C16 B12 G . 24.87 2.03 -14.85
C17 B12 G . 24.09 2.58 -16.05
C54 B12 G . 24.02 4.09 -15.82
C55 B12 G . 22.71 2.00 -16.33
C56 B12 G . 22.61 0.48 -16.14
C57 B12 G . 21.38 0.11 -16.88
O58 B12 G . 20.36 -0.22 -16.33
N59 B12 G . 21.44 0.23 -18.19
C18 B12 G . 25.00 2.22 -17.25
C60 B12 G . 24.86 3.11 -18.50
C61 B12 G . 24.42 2.31 -19.75
O63 B12 G . 24.51 2.81 -20.88
N62 B12 G . 23.94 1.05 -19.66
C19 B12 G . 26.34 1.99 -16.57
C1P B12 G . 20.29 0.10 -19.05
C2P B12 G . 20.58 -1.11 -19.90
C3P B12 G . 19.57 -2.20 -19.57
O3 B12 G . 20.42 -0.65 -21.20
O4 B12 G . 21.37 0.02 -23.46
O5 B12 G . 22.74 -1.41 -21.72
P B12 G . 21.42 -1.04 -22.39
O2 B12 G . 20.73 -2.43 -22.88
C3R B12 G . 20.00 -2.53 -24.09
C2R B12 G . 20.18 -3.91 -24.65
O7R B12 G . 21.37 -4.46 -24.14
C1R B12 G . 18.98 -4.70 -24.13
O6R B12 G . 18.13 -3.77 -23.37
C4R B12 G . 18.54 -2.42 -23.73
C5R B12 G . 17.82 -1.73 -24.89
O8R B12 G . 17.03 -2.60 -25.69
N1B B12 G . 19.37 -5.83 -23.23
C8B B12 G . 19.12 -7.10 -23.50
C2B B12 G . 19.95 -5.71 -22.03
N3B B12 G . 20.08 -6.94 -21.47
C9B B12 G . 19.57 -7.87 -22.32
C4B B12 G . 19.41 -9.28 -22.30
C5B B12 G . 18.82 -9.92 -23.37
C5M B12 G . 18.67 -11.42 -23.38
C6B B12 G . 18.37 -9.13 -24.53
C6M B12 G . 17.72 -9.80 -25.72
C7B B12 G . 18.51 -7.74 -24.55
N1 5AD H . 30.73 2.54 -5.93
C2 5AD H . 29.47 2.56 -6.39
N3 5AD H . 29.02 2.94 -7.59
C4 5AD H . 30.02 3.36 -8.37
N9 5AD H . 29.94 3.81 -9.67
C8 5AD H . 31.23 4.14 -10.05
N7 5AD H . 32.10 3.91 -9.11
C5 5AD H . 31.37 3.41 -8.04
C6 5AD H . 31.72 2.96 -6.75
N6 5AD H . 32.98 2.95 -6.30
C1' 5AD H . 28.71 4.00 -10.45
C2' 5AD H . 28.60 5.38 -11.14
C3' 5AD H . 28.36 5.04 -12.60
C4' 5AD H . 27.92 3.58 -12.57
C5' 5AD H . 28.22 2.79 -13.81
O4' 5AD H . 28.66 3.03 -11.46
O2' 5AD H . 27.53 6.17 -10.65
O3' 5AD H . 27.36 5.87 -13.15
CO B12 I . -25.07 10.31 -3.39
N21 B12 I . -25.35 11.61 -4.67
N22 B12 I . -26.53 11.01 -2.38
N23 B12 I . -24.64 8.91 -2.18
N24 B12 I . -23.81 9.67 -4.67
C1 B12 I . -24.27 11.93 -5.58
C20 B12 I . -23.37 12.93 -4.89
C2 B12 I . -24.99 12.49 -6.83
C25 B12 I . -24.14 13.45 -7.68
C26 B12 I . -25.49 11.38 -7.77
C27 B12 I . -26.31 11.83 -8.98
O28 B12 I . -27.44 12.22 -8.88
N29 B12 I . -25.74 11.77 -10.19
C3 B12 I . -26.21 13.13 -6.13
C30 B12 I . -26.12 14.62 -5.73
C31 B12 I . -26.59 15.53 -6.88
C32 B12 I . -26.82 16.94 -6.43
O34 B12 I . -27.78 17.50 -6.80
N33 B12 I . -26.03 17.58 -5.63
C4 B12 I . -26.40 12.28 -4.91
C5 B12 I . -27.65 12.20 -4.14
C35 B12 I . -28.86 12.85 -4.79
C6 B12 I . -27.70 11.58 -2.94
C7 B12 I . -28.89 11.48 -1.96
C36 B12 I . -29.74 12.76 -1.82
C37 B12 I . -29.77 10.36 -2.47
C38 B12 I . -30.93 10.06 -1.54
O39 B12 I . -30.80 9.36 -0.56
N40 B12 I . -32.10 10.54 -1.87
C8 B12 I . -28.16 11.06 -0.66
C41 B12 I . -27.70 12.21 0.25
C42 B12 I . -27.01 11.75 1.55
C43 B12 I . -26.34 12.95 2.26
O44 B12 I . -25.16 13.25 2.14
N45 B12 I . -27.11 13.66 3.05
C9 B12 I . -26.95 10.38 -1.20
C10 B12 I . -26.34 9.24 -0.58
C11 B12 I . -25.29 8.62 -1.04
C12 B12 I . -24.68 7.49 -0.22
C46 B12 I . -25.52 6.24 -0.41
C47 B12 I . -24.58 7.81 1.31
C13 B12 I . -23.34 7.35 -0.99
C48 B12 I . -22.06 7.84 -0.23
C49 B12 I . -21.41 6.76 0.63
C50 B12 I . -20.23 7.23 1.48
O51 B12 I . -19.36 8.03 1.11
N52 B12 I . -20.20 6.68 2.68
C14 B12 I . -23.59 8.16 -2.23
C15 B12 I . -22.62 8.11 -3.31
C53 B12 I . -21.53 7.06 -3.22
C16 B12 I . -22.69 8.94 -4.36
C17 B12 I . -21.73 9.05 -5.57
C54 B12 I . -22.15 7.89 -6.47
C55 B12 I . -20.23 8.98 -5.26
C56 B12 I . -19.80 9.86 -4.11
C57 B12 I . -18.30 10.06 -4.18
O58 B12 I . -17.61 9.57 -3.37
N59 B12 I . -17.79 10.82 -5.14
C18 B12 I . -22.05 10.42 -6.17
C60 B12 I . -21.79 10.58 -7.67
C61 B12 I . -20.84 11.75 -7.95
O63 B12 I . -20.85 12.36 -9.03
N62 B12 I . -19.99 12.17 -7.04
C19 B12 I . -23.41 10.69 -5.57
C1P B12 I . -16.40 11.25 -5.19
C2P B12 I . -16.49 12.77 -5.12
C3P B12 I . -16.05 13.35 -3.80
O3 B12 I . -15.63 13.29 -6.06
O4 B12 I . -16.98 15.52 -5.77
O5 B12 I . -15.68 14.67 -8.00
P B12 I . -15.85 14.79 -6.51
O2 B12 I . -14.58 15.40 -5.79
C3R B12 I . -13.45 15.93 -6.43
C2R B12 I . -13.25 17.34 -5.94
O7R B12 I . -14.47 17.88 -5.46
C1R B12 I . -12.24 17.22 -4.83
O6R B12 I . -11.80 15.85 -4.78
C4R B12 I . -12.28 15.12 -5.91
C5R B12 I . -11.13 14.98 -6.89
O8R B12 I . -11.60 15.36 -8.18
N1B B12 I . -12.71 17.43 -3.42
C8B B12 I . -12.15 18.29 -2.60
C2B B12 I . -13.65 16.70 -2.75
N3B B12 I . -13.74 17.11 -1.48
C9B B12 I . -12.83 18.10 -1.30
C4B B12 I . -12.44 18.89 -0.24
C5B B12 I . -11.45 19.86 -0.40
C5M B12 I . -11.10 20.69 0.78
C6B B12 I . -10.79 20.02 -1.71
C6M B12 I . -9.69 21.02 -1.95
C7B B12 I . -11.17 19.22 -2.76
N1 5AD J . -31.12 5.37 0.85
C2 5AD J . -29.81 5.17 0.63
N3 5AD J . -29.06 5.50 -0.41
C4 5AD J . -29.79 6.11 -1.36
N9 5AD J . -29.36 6.59 -2.57
C8 5AD J . -30.47 7.09 -3.20
N7 5AD J . -31.56 7.01 -2.47
C5 5AD J . -31.14 6.38 -1.30
C6 5AD J . -31.83 5.98 -0.13
N6 5AD J . -33.13 6.20 0.04
C1' 5AD J . -28.01 6.47 -3.13
C2' 5AD J . -28.02 5.97 -4.57
C3' 5AD J . -27.22 7.04 -5.34
C4' 5AD J . -26.51 7.81 -4.25
C5' 5AD J . -26.20 9.23 -4.63
O4' 5AD J . -27.41 7.75 -3.12
O2' 5AD J . -27.50 4.68 -4.78
O3' 5AD J . -26.29 6.48 -6.25
CO B12 K . -24.95 5.84 17.63
N21 B12 K . -26.01 5.24 19.04
N22 B12 K . -26.49 6.79 16.99
N23 B12 K . -23.80 6.30 16.21
N24 B12 K . -23.56 4.97 18.59
C1 B12 K . -25.55 4.09 19.80
C20 B12 K . -26.11 2.87 19.10
C2 B12 K . -26.11 4.32 21.23
C25 B12 K . -26.38 3.00 21.99
C26 B12 K . -25.24 5.22 22.13
C27 B12 K . -25.75 5.42 23.54
O28 B12 K . -26.67 6.19 23.76
N29 B12 K . -25.17 4.75 24.56
C3 B12 K . -27.39 5.12 20.88
C30 B12 K . -28.70 4.33 20.72
C31 B12 K . -29.50 4.21 21.97
C32 B12 K . -30.90 3.83 21.61
O34 B12 K . -31.82 4.48 21.98
N33 B12 K . -31.12 2.80 20.85
C4 B12 K . -27.03 5.78 19.57
C5 B12 K . -27.76 6.95 19.08
C35 B12 K . -28.81 7.55 19.99
C6 B12 K . -27.46 7.44 17.85
C7 B12 K . -28.12 8.64 17.15
C36 B12 K . -29.65 8.74 17.27
C37 B12 K . -27.49 9.85 17.77
C38 B12 K . -28.07 11.10 17.16
O39 B12 K . -27.78 11.48 16.03
N40 B12 K . -28.88 11.77 17.95
C8 B12 K . -27.65 8.44 15.69
C41 B12 K . -28.60 7.63 14.78
C42 B12 K . -28.12 7.40 13.35
C43 B12 K . -28.88 6.32 12.60
O44 B12 K . -28.53 5.14 12.61
N45 B12 K . -29.95 6.72 11.92
C9 B12 K . -26.38 7.69 15.91
C10 B12 K . -25.22 7.84 15.10
C11 B12 K . -24.06 7.17 15.25
C12 B12 K . -22.94 7.35 14.23
C46 B12 K . -22.34 8.72 14.47
C47 B12 K . -23.43 7.31 12.79
C13 B12 K . -22.03 6.17 14.64
C48 B12 K . -21.97 4.97 13.69
C49 B12 K . -20.87 5.03 12.62
C50 B12 K . -20.92 3.87 11.62
O51 B12 K . -21.18 2.71 11.96
N52 B12 K . -20.61 4.22 10.38
C14 B12 K . -22.63 5.76 15.97
C15 B12 K . -21.90 4.83 16.86
C53 B12 K . -20.48 4.44 16.48
C16 B12 K . -22.46 4.38 17.98
C17 B12 K . -21.89 3.36 18.96
C54 B12 K . -20.94 4.13 19.88
C55 B12 K . -21.17 2.16 18.35
C56 B12 K . -21.93 1.51 17.21
C57 B12 K . -21.35 0.14 17.02
O58 B12 K . -20.64 -0.11 16.07
N59 B12 K . -21.64 -0.72 17.97
C18 B12 K . -23.11 2.84 19.71
C60 B12 K . -22.81 2.24 21.10
C61 B12 K . -23.36 0.81 21.20
O63 B12 K . -23.67 0.05 20.25
N62 B12 K . -23.52 0.40 22.44
C19 B12 K . -24.08 3.98 19.49
C1P B12 K . -21.11 -2.04 17.94
C2P B12 K . -22.37 -2.82 17.92
C3P B12 K . -22.30 -3.85 16.83
O3 B12 K . -22.29 -3.34 19.19
O4 B12 K . -22.51 -5.05 20.91
O5 B12 K . -24.45 -3.54 20.54
P B12 K . -23.34 -4.31 19.89
O2 B12 K . -23.82 -5.32 18.73
C3R B12 K . -23.69 -6.70 19.16
C2R B12 K . -24.90 -7.55 18.88
O7R B12 K . -26.09 -6.77 18.67
C1R B12 K . -24.51 -8.41 17.67
O6R B12 K . -23.09 -8.29 17.49
C4R B12 K . -22.56 -7.31 18.36
C5R B12 K . -21.50 -7.93 19.25
O8R B12 K . -22.05 -9.12 19.77
N1B B12 K . -25.10 -8.03 16.36
C8B B12 K . -25.72 -8.89 15.55
C2B B12 K . -25.11 -6.81 15.79
N3B B12 K . -25.73 -6.84 14.60
C9B B12 K . -26.12 -8.12 14.37
C4B B12 K . -26.79 -8.75 13.33
C5B B12 K . -27.06 -10.11 13.41
C5M B12 K . -27.76 -10.78 12.26
C6B B12 K . -26.61 -10.89 14.58
C6M B12 K . -26.86 -12.37 14.66
C7B B12 K . -25.95 -10.27 15.62
N1 5AD L . -24.51 14.16 14.23
C2 5AD L . -23.63 13.18 14.14
N3 5AD L . -23.34 12.23 15.01
C4 5AD L . -24.07 12.36 16.14
N9 5AD L . -24.00 11.58 17.27
C8 5AD L . -24.94 12.13 18.15
N7 5AD L . -25.56 13.19 17.66
C5 5AD L . -25.00 13.34 16.40
C6 5AD L . -25.22 14.29 15.39
N6 5AD L . -26.10 15.27 15.50
C1' 5AD L . -23.12 10.44 17.51
C2' 5AD L . -22.42 10.55 18.86
C3' 5AD L . -22.77 9.23 19.56
C4' 5AD L . -23.30 8.33 18.45
C5' 5AD L . -24.33 7.30 18.87
O4' 5AD L . -23.89 9.26 17.51
O2' 5AD L . -21.03 10.80 18.80
O3' 5AD L . -21.61 8.67 20.16
#